data_2BFY
#
_entry.id   2BFY
#
_cell.length_a   45.945
_cell.length_b   67.044
_cell.length_c   116.462
_cell.angle_alpha   90.00
_cell.angle_beta   96.51
_cell.angle_gamma   90.00
#
_symmetry.space_group_name_H-M   'P 1 21 1'
#
loop_
_entity.id
_entity.type
_entity.pdbx_description
1 polymer 'AURORA KINASE B-A'
2 polymer 'INNER CENTROMERE PROTEIN A'
3 non-polymer N-[2-OXO-3-((E)-PHENYL{[4-(PIPERIDIN-1-YLMETHYL)PHENYL]IMINO}METHYL)-2,6-DIHYDRO-1H-INDOL-5-YL]ETHANESULFONAMIDE
4 water water
#
loop_
_entity_poly.entity_id
_entity_poly.type
_entity_poly.pdbx_seq_one_letter_code
_entity_poly.pdbx_strand_id
1 'polypeptide(L)'
;TALAEMPKRKFTIDDFDIVRPLGKGKFGNVYLAREKQNKFIMALKVLFKSQLEKEGVEHQLRREIEIQSHLRHPNILRMY
NYFHDRKRIYLMLEFAPRGELYKELQKHGRFDEQRSATFMEELADALHYCHERKVIHRDIKPENLLMGYKGELKIADFGW
SVHAPSLRRR(TPO)MCGTLDYLPPEMIEGKTHDEKVDLWCAGVLCYEFLVGMPPFDSPSHTETHRRIVNVDLKFPPFLS
DGSKDLISKLLRYHPPQRLPLKGVMEHPWVKANSRRVLPPVYQSTQSK
;
A,B
2 'polypeptide(L)' IPAWASGNLLTQAIRQQYYKPIDVDRMYGTIDSPKLEELFNKS C,D
#
loop_
_chem_comp.id
_chem_comp.type
_chem_comp.name
_chem_comp.formula
H1N non-polymer N-[2-OXO-3-((E)-PHENYL{[4-(PIPERIDIN-1-YLMETHYL)PHENYL]IMINO}METHYL)-2,6-DIHYDRO-1H-INDOL-5-YL]ETHANESULFONAMIDE 'C29 H32 N4 O3 S'
#
# COMPACT_ATOMS: atom_id res chain seq x y z
N ARG A 9 -28.63 -13.61 1.36
CA ARG A 9 -30.07 -13.30 1.49
C ARG A 9 -30.29 -11.80 1.63
N LYS A 10 -31.30 -11.28 0.96
CA LYS A 10 -31.60 -9.87 1.06
C LYS A 10 -32.74 -9.67 2.06
N PHE A 11 -33.20 -8.42 2.21
CA PHE A 11 -34.27 -8.13 3.16
C PHE A 11 -35.68 -8.40 2.68
N THR A 12 -36.59 -8.60 3.63
CA THR A 12 -38.00 -8.80 3.32
C THR A 12 -38.75 -8.03 4.39
N ILE A 13 -39.99 -7.65 4.12
CA ILE A 13 -40.77 -6.90 5.09
C ILE A 13 -40.87 -7.60 6.44
N ASP A 14 -40.72 -8.92 6.43
CA ASP A 14 -40.80 -9.71 7.66
C ASP A 14 -39.56 -9.44 8.52
N ASP A 15 -38.57 -8.79 7.92
CA ASP A 15 -37.36 -8.48 8.66
C ASP A 15 -37.57 -7.22 9.52
N PHE A 16 -38.75 -6.62 9.44
CA PHE A 16 -39.03 -5.41 10.19
C PHE A 16 -40.30 -5.43 11.00
N ASP A 17 -40.29 -4.63 12.04
CA ASP A 17 -41.46 -4.45 12.87
C ASP A 17 -41.87 -3.01 12.58
N ILE A 18 -43.04 -2.83 11.98
CA ILE A 18 -43.53 -1.51 11.67
C ILE A 18 -44.09 -0.90 12.93
N VAL A 19 -43.50 0.20 13.38
CA VAL A 19 -43.92 0.88 14.59
C VAL A 19 -45.16 1.74 14.32
N ARG A 20 -45.02 2.72 13.43
CA ARG A 20 -46.12 3.62 13.07
C ARG A 20 -45.82 4.40 11.79
N PRO A 21 -46.84 4.97 11.17
CA PRO A 21 -46.58 5.73 9.94
C PRO A 21 -45.94 7.06 10.34
N LEU A 22 -45.12 7.62 9.45
CA LEU A 22 -44.47 8.90 9.69
C LEU A 22 -45.14 9.96 8.82
N GLY A 23 -45.85 9.52 7.78
CA GLY A 23 -46.52 10.47 6.92
C GLY A 23 -46.45 10.11 5.45
N LYS A 24 -47.01 10.95 4.60
CA LYS A 24 -46.97 10.70 3.16
C LYS A 24 -45.67 11.24 2.60
N GLY A 25 -45.07 10.48 1.69
CA GLY A 25 -43.83 10.87 1.07
C GLY A 25 -44.07 10.98 -0.43
N LYS A 26 -42.99 10.99 -1.21
CA LYS A 26 -43.13 11.09 -2.66
C LYS A 26 -43.49 9.75 -3.29
N PHE A 27 -44.73 9.64 -3.74
CA PHE A 27 -45.26 8.43 -4.36
C PHE A 27 -45.33 7.25 -3.42
N GLY A 28 -45.40 7.53 -2.13
CA GLY A 28 -45.49 6.43 -1.17
C GLY A 28 -45.48 6.85 0.28
N ASN A 29 -46.06 6.02 1.13
CA ASN A 29 -46.09 6.32 2.54
C ASN A 29 -44.79 5.93 3.20
N VAL A 30 -44.46 6.63 4.28
CA VAL A 30 -43.25 6.36 5.02
C VAL A 30 -43.66 5.91 6.42
N TYR A 31 -42.99 4.87 6.90
CA TYR A 31 -43.28 4.32 8.21
C TYR A 31 -42.04 4.21 9.05
N LEU A 32 -42.21 4.41 10.36
CA LEU A 32 -41.10 4.23 11.28
C LEU A 32 -41.11 2.74 11.48
N ALA A 33 -39.95 2.12 11.40
CA ALA A 33 -39.82 0.68 11.57
C ALA A 33 -38.51 0.34 12.28
N ARG A 34 -38.43 -0.88 12.79
CA ARG A 34 -37.22 -1.35 13.45
C ARG A 34 -36.80 -2.66 12.78
N GLU A 35 -35.57 -2.72 12.29
CA GLU A 35 -35.07 -3.92 11.64
C GLU A 35 -34.77 -4.90 12.79
N LYS A 36 -35.41 -6.07 12.75
CA LYS A 36 -35.27 -7.08 13.82
C LYS A 36 -33.87 -7.52 14.26
N GLN A 37 -33.09 -8.06 13.35
CA GLN A 37 -31.76 -8.56 13.68
C GLN A 37 -30.85 -7.57 14.39
N ASN A 38 -31.02 -6.29 14.09
CA ASN A 38 -30.19 -5.26 14.68
C ASN A 38 -30.94 -4.31 15.60
N LYS A 39 -32.25 -4.44 15.65
CA LYS A 39 -33.09 -3.57 16.48
C LYS A 39 -32.70 -2.13 16.17
N PHE A 40 -32.49 -1.87 14.88
CA PHE A 40 -32.09 -0.56 14.40
C PHE A 40 -33.29 0.13 13.79
N ILE A 41 -33.61 1.32 14.31
CA ILE A 41 -34.75 2.09 13.87
C ILE A 41 -34.44 2.84 12.57
N MET A 42 -35.33 2.70 11.58
CA MET A 42 -35.14 3.39 10.30
C MET A 42 -36.50 3.76 9.73
N ALA A 43 -36.51 4.46 8.61
CA ALA A 43 -37.76 4.81 7.98
C ALA A 43 -37.89 3.84 6.78
N LEU A 44 -39.11 3.46 6.45
CA LEU A 44 -39.35 2.57 5.32
C LEU A 44 -40.32 3.25 4.39
N LYS A 45 -39.88 3.57 3.18
CA LYS A 45 -40.75 4.20 2.20
C LYS A 45 -41.29 3.04 1.36
N VAL A 46 -42.61 2.97 1.25
CA VAL A 46 -43.27 1.90 0.51
C VAL A 46 -43.93 2.41 -0.75
N LEU A 47 -43.53 1.87 -1.89
CA LEU A 47 -44.08 2.30 -3.17
C LEU A 47 -44.82 1.10 -3.77
N PHE A 48 -45.95 1.35 -4.42
CA PHE A 48 -46.70 0.28 -5.09
C PHE A 48 -46.24 0.22 -6.54
N LYS A 49 -45.80 -0.96 -6.96
CA LYS A 49 -45.28 -1.15 -8.31
C LYS A 49 -46.23 -0.72 -9.42
N SER A 50 -47.52 -0.99 -9.22
CA SER A 50 -48.52 -0.66 -10.24
C SER A 50 -48.79 0.84 -10.33
N GLN A 51 -48.77 1.52 -9.20
CA GLN A 51 -49.03 2.95 -9.18
C GLN A 51 -47.90 3.64 -9.94
N LEU A 52 -46.67 3.22 -9.67
CA LEU A 52 -45.52 3.81 -10.33
C LEU A 52 -45.60 3.70 -11.83
N GLU A 53 -45.71 2.47 -12.31
CA GLU A 53 -45.77 2.20 -13.73
C GLU A 53 -46.90 2.96 -14.40
N LYS A 54 -48.05 3.00 -13.74
CA LYS A 54 -49.22 3.68 -14.27
C LYS A 54 -49.12 5.20 -14.17
N GLU A 55 -48.11 5.71 -13.47
CA GLU A 55 -47.95 7.15 -13.35
C GLU A 55 -46.72 7.58 -14.13
N GLY A 56 -46.13 6.61 -14.82
CA GLY A 56 -44.95 6.87 -15.63
C GLY A 56 -43.75 7.41 -14.90
N VAL A 57 -43.55 7.01 -13.65
CA VAL A 57 -42.41 7.49 -12.87
C VAL A 57 -41.39 6.37 -12.64
N GLU A 58 -41.39 5.38 -13.53
CA GLU A 58 -40.49 4.25 -13.44
C GLU A 58 -39.04 4.68 -13.65
N HIS A 59 -38.78 5.31 -14.80
CA HIS A 59 -37.43 5.78 -15.14
C HIS A 59 -37.10 7.10 -14.42
N GLN A 60 -37.80 7.35 -13.31
CA GLN A 60 -37.59 8.56 -12.52
C GLN A 60 -37.17 8.08 -11.13
N LEU A 61 -37.90 7.09 -10.61
CA LEU A 61 -37.63 6.53 -9.30
C LEU A 61 -36.31 5.78 -9.35
N ARG A 62 -36.02 5.18 -10.50
CA ARG A 62 -34.76 4.44 -10.63
C ARG A 62 -33.58 5.38 -10.49
N ARG A 63 -33.69 6.56 -11.09
CA ARG A 63 -32.60 7.53 -11.02
C ARG A 63 -32.46 8.05 -9.60
N GLU A 64 -33.59 8.33 -8.96
CA GLU A 64 -33.54 8.80 -7.58
C GLU A 64 -32.88 7.77 -6.65
N ILE A 65 -33.16 6.50 -6.87
CA ILE A 65 -32.57 5.41 -6.09
C ILE A 65 -31.11 5.23 -6.49
N GLU A 66 -30.86 5.26 -7.80
CA GLU A 66 -29.51 5.13 -8.35
C GLU A 66 -28.59 6.19 -7.78
N ILE A 67 -29.08 7.41 -7.59
CA ILE A 67 -28.22 8.46 -7.04
C ILE A 67 -28.17 8.41 -5.52
N GLN A 68 -29.32 8.43 -4.87
CA GLN A 68 -29.33 8.43 -3.42
C GLN A 68 -28.65 7.24 -2.76
N SER A 69 -28.74 6.07 -3.36
CA SER A 69 -28.14 4.87 -2.75
C SER A 69 -26.61 4.84 -2.70
N HIS A 70 -25.97 5.75 -3.42
CA HIS A 70 -24.51 5.79 -3.47
C HIS A 70 -23.87 6.98 -2.74
N LEU A 71 -24.69 7.75 -2.01
CA LEU A 71 -24.22 8.94 -1.29
C LEU A 71 -24.09 8.62 0.21
N ARG A 72 -22.91 8.87 0.79
CA ARG A 72 -22.66 8.65 2.20
C ARG A 72 -22.12 9.93 2.82
N HIS A 73 -23.00 10.71 3.42
CA HIS A 73 -22.59 11.97 4.05
C HIS A 73 -23.49 12.26 5.25
N PRO A 74 -22.96 12.87 6.32
CA PRO A 74 -23.80 13.15 7.49
C PRO A 74 -25.00 14.06 7.25
N ASN A 75 -24.97 14.84 6.18
CA ASN A 75 -26.07 15.73 5.92
C ASN A 75 -26.88 15.38 4.69
N ILE A 76 -26.77 14.10 4.31
CA ILE A 76 -27.55 13.54 3.21
C ILE A 76 -28.24 12.33 3.83
N LEU A 77 -29.56 12.27 3.72
CA LEU A 77 -30.31 11.15 4.27
C LEU A 77 -29.80 9.86 3.61
N ARG A 78 -29.41 8.89 4.43
CA ARG A 78 -28.84 7.66 3.94
C ARG A 78 -29.87 6.64 3.43
N MET A 79 -29.59 5.95 2.34
CA MET A 79 -30.49 4.89 1.89
C MET A 79 -29.62 3.69 2.24
N TYR A 80 -30.07 2.90 3.20
CA TYR A 80 -29.29 1.74 3.65
C TYR A 80 -29.28 0.59 2.66
N ASN A 81 -30.46 0.34 2.09
CA ASN A 81 -30.65 -0.74 1.14
C ASN A 81 -32.10 -0.64 0.67
N TYR A 82 -32.52 -1.61 -0.15
CA TYR A 82 -33.89 -1.61 -0.64
C TYR A 82 -34.26 -3.02 -1.07
N PHE A 83 -35.55 -3.30 -1.13
CA PHE A 83 -35.96 -4.65 -1.54
C PHE A 83 -37.35 -4.57 -2.11
N HIS A 84 -37.89 -5.68 -2.59
CA HIS A 84 -39.24 -5.62 -3.13
C HIS A 84 -39.94 -6.95 -2.98
N ASP A 85 -41.26 -6.89 -3.16
CA ASP A 85 -42.06 -8.11 -3.10
C ASP A 85 -43.00 -8.06 -4.30
N ARG A 86 -44.02 -8.91 -4.29
CA ARG A 86 -44.94 -8.96 -5.42
C ARG A 86 -45.54 -7.64 -5.88
N LYS A 87 -45.98 -6.83 -4.92
CA LYS A 87 -46.67 -5.58 -5.22
C LYS A 87 -45.97 -4.29 -4.80
N ARG A 88 -44.97 -4.42 -3.92
CA ARG A 88 -44.30 -3.23 -3.41
C ARG A 88 -42.78 -3.16 -3.48
N ILE A 89 -42.26 -1.93 -3.48
CA ILE A 89 -40.83 -1.62 -3.48
C ILE A 89 -40.67 -0.91 -2.15
N TYR A 90 -39.66 -1.31 -1.38
CA TYR A 90 -39.44 -0.75 -0.05
C TYR A 90 -38.06 -0.13 0.00
N LEU A 91 -37.97 1.12 0.44
CA LEU A 91 -36.67 1.79 0.54
C LEU A 91 -36.33 1.90 2.01
N MET A 92 -35.17 1.40 2.41
CA MET A 92 -34.74 1.43 3.80
C MET A 92 -33.91 2.70 3.92
N LEU A 93 -34.49 3.66 4.61
CA LEU A 93 -33.88 5.00 4.74
C LEU A 93 -33.60 5.45 6.17
N GLU A 94 -32.66 6.36 6.29
CA GLU A 94 -32.34 6.93 7.59
C GLU A 94 -33.55 7.65 8.20
N PHE A 95 -33.76 7.44 9.49
CA PHE A 95 -34.85 8.08 10.22
C PHE A 95 -34.30 9.42 10.71
N ALA A 96 -35.01 10.51 10.42
CA ALA A 96 -34.60 11.90 10.82
C ALA A 96 -35.60 12.26 11.89
N PRO A 97 -35.25 12.00 13.15
CA PRO A 97 -36.12 12.26 14.29
C PRO A 97 -36.83 13.57 14.40
N ARG A 98 -36.20 14.66 13.97
CA ARG A 98 -36.88 15.92 14.10
C ARG A 98 -37.76 16.32 12.93
N GLY A 99 -37.90 15.42 11.96
CA GLY A 99 -38.82 15.69 10.87
C GLY A 99 -38.52 16.76 9.84
N GLU A 100 -39.60 17.32 9.31
CA GLU A 100 -39.55 18.31 8.24
C GLU A 100 -39.01 19.65 8.65
N LEU A 101 -38.00 20.10 7.91
CA LEU A 101 -37.44 21.41 8.18
C LEU A 101 -38.46 22.48 7.83
N TYR A 102 -39.23 22.28 6.76
CA TYR A 102 -40.19 23.30 6.38
C TYR A 102 -41.23 23.54 7.47
N LYS A 103 -41.60 22.50 8.20
CA LYS A 103 -42.57 22.66 9.28
C LYS A 103 -42.03 23.53 10.39
N GLU A 104 -40.75 23.37 10.67
CA GLU A 104 -40.06 24.14 11.70
C GLU A 104 -39.96 25.59 11.24
N LEU A 105 -39.65 25.81 9.97
CA LEU A 105 -39.57 27.18 9.48
C LEU A 105 -40.95 27.84 9.53
N GLN A 106 -41.99 27.09 9.16
CA GLN A 106 -43.33 27.64 9.17
C GLN A 106 -43.76 27.98 10.60
N LYS A 107 -43.39 27.12 11.54
CA LYS A 107 -43.74 27.33 12.96
C LYS A 107 -43.07 28.56 13.53
N HIS A 108 -41.81 28.78 13.19
CA HIS A 108 -41.07 29.93 13.70
C HIS A 108 -41.18 31.19 12.86
N GLY A 109 -41.64 31.06 11.61
CA GLY A 109 -41.74 32.23 10.74
C GLY A 109 -40.42 32.43 10.01
N ARG A 110 -39.35 32.54 10.79
CA ARG A 110 -38.01 32.69 10.23
C ARG A 110 -37.01 32.20 11.27
N PHE A 111 -35.84 31.76 10.82
CA PHE A 111 -34.80 31.25 11.72
C PHE A 111 -33.82 32.34 12.11
N ASP A 112 -33.21 32.21 13.28
CA ASP A 112 -32.25 33.21 13.67
C ASP A 112 -30.94 32.93 12.93
N GLU A 113 -29.96 33.80 13.09
CA GLU A 113 -28.71 33.63 12.37
C GLU A 113 -27.95 32.35 12.70
N GLN A 114 -27.95 31.97 13.96
CA GLN A 114 -27.25 30.76 14.33
C GLN A 114 -27.83 29.55 13.62
N ARG A 115 -29.14 29.40 13.69
CA ARG A 115 -29.78 28.26 13.05
C ARG A 115 -29.56 28.29 11.53
N SER A 116 -29.73 29.46 10.92
CA SER A 116 -29.53 29.59 9.46
C SER A 116 -28.09 29.27 9.04
N ALA A 117 -27.11 29.83 9.74
CA ALA A 117 -25.73 29.60 9.38
C ALA A 117 -25.35 28.14 9.54
N THR A 118 -25.87 27.51 10.60
CA THR A 118 -25.54 26.10 10.82
C THR A 118 -26.09 25.28 9.64
N PHE A 119 -27.35 25.54 9.30
CA PHE A 119 -27.95 24.83 8.16
C PHE A 119 -27.15 25.11 6.89
N MET A 120 -26.69 26.35 6.71
CA MET A 120 -25.95 26.66 5.49
C MET A 120 -24.62 25.92 5.41
N GLU A 121 -23.92 25.80 6.55
CA GLU A 121 -22.66 25.09 6.53
C GLU A 121 -22.94 23.62 6.18
N GLU A 122 -23.98 23.04 6.77
CA GLU A 122 -24.32 21.63 6.51
C GLU A 122 -24.71 21.41 5.06
N LEU A 123 -25.55 22.31 4.54
CA LEU A 123 -25.99 22.24 3.16
C LEU A 123 -24.80 22.33 2.20
N ALA A 124 -23.92 23.29 2.43
CA ALA A 124 -22.80 23.46 1.54
C ALA A 124 -21.87 22.25 1.55
N ASP A 125 -21.67 21.67 2.72
CA ASP A 125 -20.82 20.49 2.85
C ASP A 125 -21.42 19.30 2.08
N ALA A 126 -22.72 19.10 2.23
CA ALA A 126 -23.37 18.01 1.52
C ALA A 126 -23.38 18.24 0.02
N LEU A 127 -23.68 19.48 -0.40
CA LEU A 127 -23.69 19.75 -1.84
C LEU A 127 -22.25 19.64 -2.39
N HIS A 128 -21.26 20.01 -1.60
CA HIS A 128 -19.88 19.88 -2.07
C HIS A 128 -19.57 18.39 -2.31
N TYR A 129 -20.01 17.56 -1.38
CA TYR A 129 -19.82 16.11 -1.52
C TYR A 129 -20.50 15.63 -2.83
N CYS A 130 -21.69 16.15 -3.13
CA CYS A 130 -22.37 15.76 -4.37
C CYS A 130 -21.62 16.22 -5.59
N HIS A 131 -21.23 17.50 -5.60
CA HIS A 131 -20.51 18.03 -6.73
C HIS A 131 -19.17 17.36 -7.02
N GLU A 132 -18.48 16.93 -5.97
CA GLU A 132 -17.19 16.24 -6.15
C GLU A 132 -17.42 14.92 -6.87
N ARG A 133 -18.68 14.48 -6.92
CA ARG A 133 -19.07 13.25 -7.63
C ARG A 133 -19.92 13.51 -8.88
N LYS A 134 -19.95 14.75 -9.32
CA LYS A 134 -20.71 15.15 -10.49
C LYS A 134 -22.20 14.97 -10.38
N VAL A 135 -22.70 15.06 -9.15
CA VAL A 135 -24.11 14.98 -8.92
C VAL A 135 -24.60 16.41 -8.67
N ILE A 136 -25.62 16.81 -9.43
CA ILE A 136 -26.21 18.14 -9.24
C ILE A 136 -27.57 17.84 -8.60
N HIS A 137 -27.91 18.57 -7.55
CA HIS A 137 -29.19 18.30 -6.89
C HIS A 137 -30.39 18.91 -7.63
N ARG A 138 -30.30 20.20 -7.92
CA ARG A 138 -31.30 20.96 -8.66
C ARG A 138 -32.65 21.25 -8.04
N ASP A 139 -32.85 20.89 -6.78
CA ASP A 139 -34.13 21.22 -6.18
C ASP A 139 -33.98 21.45 -4.69
N ILE A 140 -32.99 22.24 -4.33
CA ILE A 140 -32.79 22.53 -2.94
C ILE A 140 -33.86 23.55 -2.55
N LYS A 141 -34.63 23.21 -1.52
CA LYS A 141 -35.67 24.08 -0.98
C LYS A 141 -36.00 23.48 0.39
N PRO A 142 -36.61 24.26 1.30
CA PRO A 142 -36.93 23.73 2.64
C PRO A 142 -37.65 22.39 2.68
N GLU A 143 -38.65 22.21 1.82
CA GLU A 143 -39.43 20.98 1.80
C GLU A 143 -38.65 19.70 1.48
N ASN A 144 -37.47 19.82 0.92
CA ASN A 144 -36.67 18.64 0.60
C ASN A 144 -35.62 18.29 1.67
N LEU A 145 -35.71 18.98 2.80
CA LEU A 145 -34.76 18.82 3.88
C LEU A 145 -35.43 18.31 5.15
N LEU A 146 -34.76 17.37 5.80
CA LEU A 146 -35.24 16.82 7.08
C LEU A 146 -34.19 17.19 8.14
N MET A 147 -34.47 16.89 9.41
CA MET A 147 -33.55 17.25 10.49
C MET A 147 -33.28 16.05 11.38
N GLY A 148 -32.00 15.85 11.68
CA GLY A 148 -31.55 14.74 12.52
C GLY A 148 -31.83 14.90 14.00
N TYR A 149 -31.32 13.96 14.77
CA TYR A 149 -31.50 13.93 16.24
C TYR A 149 -31.10 15.24 16.92
N LYS A 150 -30.02 15.84 16.45
CA LYS A 150 -29.54 17.12 17.00
C LYS A 150 -29.88 18.30 16.07
N GLY A 151 -30.90 18.10 15.24
CA GLY A 151 -31.32 19.15 14.33
C GLY A 151 -30.47 19.33 13.08
N GLU A 152 -29.59 18.38 12.79
CA GLU A 152 -28.75 18.52 11.61
C GLU A 152 -29.51 18.37 10.29
N LEU A 153 -29.22 19.26 9.36
CA LEU A 153 -29.86 19.21 8.06
C LEU A 153 -29.59 17.85 7.37
N LYS A 154 -30.58 17.34 6.64
CA LYS A 154 -30.45 16.09 5.92
C LYS A 154 -31.13 16.32 4.58
N ILE A 155 -30.37 16.30 3.49
CA ILE A 155 -31.00 16.45 2.17
C ILE A 155 -31.73 15.13 1.98
N ALA A 156 -33.05 15.17 1.78
CA ALA A 156 -33.84 13.93 1.75
C ALA A 156 -34.56 13.53 0.49
N ASP A 157 -34.48 14.35 -0.54
CA ASP A 157 -35.17 14.02 -1.79
C ASP A 157 -34.19 14.32 -2.91
N PHE A 158 -34.17 13.47 -3.92
CA PHE A 158 -33.22 13.64 -5.02
C PHE A 158 -33.98 13.50 -6.36
N GLY A 159 -35.25 13.89 -6.33
CA GLY A 159 -36.15 13.80 -7.47
C GLY A 159 -35.75 14.51 -8.76
N TRP A 160 -34.99 15.59 -8.67
CA TRP A 160 -34.55 16.28 -9.88
C TRP A 160 -33.05 16.13 -10.06
N SER A 161 -32.42 15.31 -9.23
CA SER A 161 -30.99 15.17 -9.29
C SER A 161 -30.46 14.47 -10.55
N VAL A 162 -29.24 14.80 -10.93
CA VAL A 162 -28.67 14.16 -12.11
C VAL A 162 -27.19 13.95 -11.93
N HIS A 163 -26.68 12.85 -12.47
CA HIS A 163 -25.26 12.62 -12.43
C HIS A 163 -24.90 13.22 -13.79
N ALA A 164 -24.17 14.34 -13.79
CA ALA A 164 -23.81 15.01 -15.03
C ALA A 164 -22.30 15.06 -15.25
N PRO A 165 -21.71 13.92 -15.66
CA PRO A 165 -20.28 13.75 -15.92
C PRO A 165 -19.66 14.80 -16.86
N SER A 166 -20.33 15.13 -17.94
CA SER A 166 -19.72 16.10 -18.83
C SER A 166 -20.62 17.17 -19.39
N LEU A 167 -21.45 16.77 -20.35
CA LEU A 167 -22.38 17.70 -21.02
C LEU A 167 -23.26 18.54 -20.10
N ARG A 168 -23.45 19.80 -20.49
CA ARG A 168 -24.29 20.72 -19.74
C ARG A 168 -25.71 20.14 -19.77
N ARG A 169 -26.62 20.77 -19.04
CA ARG A 169 -27.99 20.30 -18.93
C ARG A 169 -28.98 21.29 -19.52
N ARG A 170 -30.15 20.79 -19.93
CA ARG A 170 -31.16 21.66 -20.50
C ARG A 170 -32.52 21.64 -19.79
N TPO A 171 -32.74 20.63 -18.96
CA TPO A 171 -34.03 20.46 -18.31
CB TPO A 171 -34.11 19.17 -17.55
CG2 TPO A 171 -35.54 18.85 -17.18
OG1 TPO A 171 -33.53 18.11 -18.33
P TPO A 171 -32.43 17.45 -17.56
O1P TPO A 171 -32.53 16.11 -16.94
O2P TPO A 171 -31.15 18.15 -17.81
O3P TPO A 171 -32.29 16.72 -18.82
C TPO A 171 -34.30 21.55 -17.34
O TPO A 171 -33.70 21.85 -16.34
N MET A 172 -35.77 22.18 -17.57
CA MET A 172 -36.13 23.10 -16.55
C MET A 172 -36.69 22.30 -15.41
N CYS A 173 -36.13 22.48 -14.24
CA CYS A 173 -36.67 21.72 -13.14
C CYS A 173 -36.44 22.48 -11.87
N GLY A 174 -37.12 22.02 -10.82
CA GLY A 174 -37.00 22.67 -9.55
C GLY A 174 -38.30 23.29 -9.16
N THR A 175 -38.19 24.36 -8.40
CA THR A 175 -39.36 25.03 -7.90
C THR A 175 -39.34 26.51 -8.26
N LEU A 176 -40.48 27.02 -8.71
CA LEU A 176 -40.62 28.43 -9.11
C LEU A 176 -39.75 29.49 -8.41
N ASP A 177 -39.93 29.64 -7.11
CA ASP A 177 -39.17 30.70 -6.42
C ASP A 177 -37.68 30.45 -6.32
N TYR A 178 -37.28 29.23 -6.62
CA TYR A 178 -35.90 28.83 -6.51
C TYR A 178 -35.20 28.71 -7.85
N LEU A 179 -35.89 28.96 -8.95
CA LEU A 179 -35.23 28.81 -10.24
C LEU A 179 -34.15 29.82 -10.52
N PRO A 180 -33.00 29.35 -11.02
CA PRO A 180 -31.92 30.27 -11.33
C PRO A 180 -32.27 30.94 -12.68
N PRO A 181 -31.68 32.11 -12.94
CA PRO A 181 -31.95 32.81 -14.20
C PRO A 181 -31.71 31.97 -15.43
N GLU A 182 -30.62 31.19 -15.43
CA GLU A 182 -30.33 30.40 -16.61
C GLU A 182 -31.41 29.40 -16.99
N MET A 183 -32.18 28.91 -16.03
CA MET A 183 -33.22 27.97 -16.40
C MET A 183 -34.40 28.75 -16.98
N ILE A 184 -34.74 29.86 -16.36
CA ILE A 184 -35.86 30.65 -16.84
C ILE A 184 -35.60 31.11 -18.26
N GLU A 185 -34.34 31.45 -18.56
CA GLU A 185 -34.00 31.92 -19.89
C GLU A 185 -33.74 30.86 -20.94
N GLY A 186 -33.89 29.59 -20.58
CA GLY A 186 -33.69 28.54 -21.57
C GLY A 186 -32.25 28.26 -21.95
N LYS A 187 -31.29 28.65 -21.11
CA LYS A 187 -29.89 28.39 -21.41
C LYS A 187 -29.55 27.00 -20.87
N THR A 188 -28.35 26.53 -21.16
CA THR A 188 -27.93 25.26 -20.59
C THR A 188 -27.52 25.62 -19.15
N HIS A 189 -27.49 24.63 -18.27
CA HIS A 189 -27.08 24.89 -16.90
C HIS A 189 -26.10 23.82 -16.44
N ASP A 190 -25.44 24.10 -15.32
CA ASP A 190 -24.47 23.17 -14.79
C ASP A 190 -24.63 23.10 -13.27
N GLU A 191 -23.61 22.59 -12.58
CA GLU A 191 -23.75 22.44 -11.12
C GLU A 191 -23.92 23.74 -10.36
N LYS A 192 -23.63 24.86 -11.00
CA LYS A 192 -23.77 26.14 -10.32
C LYS A 192 -25.22 26.53 -10.03
N VAL A 193 -26.19 25.79 -10.57
CA VAL A 193 -27.59 26.08 -10.20
C VAL A 193 -27.78 25.83 -8.71
N ASP A 194 -27.02 24.89 -8.14
CA ASP A 194 -27.19 24.60 -6.70
C ASP A 194 -26.68 25.75 -5.83
N LEU A 195 -25.71 26.53 -6.35
CA LEU A 195 -25.17 27.68 -5.60
C LEU A 195 -26.26 28.72 -5.55
N TRP A 196 -26.93 28.93 -6.68
CA TRP A 196 -28.03 29.88 -6.67
C TRP A 196 -29.13 29.44 -5.70
N CYS A 197 -29.53 28.19 -5.75
CA CYS A 197 -30.61 27.75 -4.87
C CYS A 197 -30.20 27.87 -3.40
N ALA A 198 -28.91 27.72 -3.12
CA ALA A 198 -28.46 27.83 -1.73
C ALA A 198 -28.61 29.27 -1.24
N GLY A 199 -28.46 30.23 -2.15
CA GLY A 199 -28.62 31.61 -1.80
C GLY A 199 -30.10 31.91 -1.55
N VAL A 200 -30.99 31.36 -2.39
CA VAL A 200 -32.41 31.58 -2.17
C VAL A 200 -32.80 30.96 -0.80
N LEU A 201 -32.27 29.77 -0.54
CA LEU A 201 -32.54 29.08 0.71
C LEU A 201 -32.08 29.89 1.94
N CYS A 202 -30.88 30.44 1.92
CA CYS A 202 -30.38 31.23 3.05
C CYS A 202 -31.32 32.42 3.29
N TYR A 203 -31.70 33.08 2.20
CA TYR A 203 -32.62 34.21 2.30
C TYR A 203 -33.96 33.76 2.95
N GLU A 204 -34.55 32.69 2.44
CA GLU A 204 -35.81 32.21 2.99
C GLU A 204 -35.66 31.79 4.46
N PHE A 205 -34.54 31.18 4.82
CA PHE A 205 -34.34 30.80 6.22
C PHE A 205 -34.42 32.04 7.11
N LEU A 206 -33.71 33.10 6.70
CA LEU A 206 -33.63 34.31 7.52
C LEU A 206 -34.81 35.24 7.47
N VAL A 207 -35.54 35.21 6.35
CA VAL A 207 -36.66 36.14 6.13
C VAL A 207 -38.03 35.46 6.24
N GLY A 208 -38.12 34.19 5.89
CA GLY A 208 -39.38 33.49 5.99
C GLY A 208 -40.13 33.42 4.66
N MET A 209 -39.60 34.09 3.65
CA MET A 209 -40.22 34.09 2.32
C MET A 209 -39.06 34.13 1.33
N PRO A 210 -39.23 33.55 0.12
CA PRO A 210 -38.15 33.57 -0.87
C PRO A 210 -38.00 35.01 -1.41
N PRO A 211 -36.80 35.36 -1.85
CA PRO A 211 -36.54 36.72 -2.34
C PRO A 211 -37.28 37.30 -3.54
N PHE A 212 -37.80 36.45 -4.41
CA PHE A 212 -38.47 36.97 -5.61
C PHE A 212 -39.96 36.70 -5.59
N ASP A 213 -40.50 36.55 -4.38
CA ASP A 213 -41.93 36.27 -4.21
C ASP A 213 -42.80 37.26 -4.97
N SER A 214 -43.71 36.73 -5.80
CA SER A 214 -44.63 37.55 -6.59
C SER A 214 -45.95 36.82 -6.82
N PRO A 215 -47.01 37.60 -7.15
CA PRO A 215 -48.37 37.10 -7.41
C PRO A 215 -48.49 36.23 -8.66
N SER A 216 -47.61 36.44 -9.63
CA SER A 216 -47.68 35.65 -10.84
C SER A 216 -46.33 35.06 -11.21
N HIS A 217 -46.36 33.95 -11.94
CA HIS A 217 -45.16 33.30 -12.41
C HIS A 217 -44.35 34.25 -13.31
N THR A 218 -45.04 35.12 -14.06
CA THR A 218 -44.33 36.05 -14.93
C THR A 218 -43.60 37.13 -14.14
N GLU A 219 -44.21 37.65 -13.08
CA GLU A 219 -43.52 38.66 -12.31
C GLU A 219 -42.38 38.03 -11.50
N THR A 220 -42.53 36.77 -11.07
CA THR A 220 -41.44 36.12 -10.32
C THR A 220 -40.27 35.86 -11.29
N HIS A 221 -40.59 35.36 -12.49
CA HIS A 221 -39.57 35.13 -13.50
C HIS A 221 -38.83 36.42 -13.76
N ARG A 222 -39.57 37.52 -13.82
CA ARG A 222 -38.97 38.81 -14.09
C ARG A 222 -38.04 39.23 -12.96
N ARG A 223 -38.46 39.04 -11.71
CA ARG A 223 -37.62 39.42 -10.60
C ARG A 223 -36.34 38.60 -10.54
N ILE A 224 -36.44 37.32 -10.86
CA ILE A 224 -35.26 36.42 -10.86
C ILE A 224 -34.24 36.82 -11.91
N VAL A 225 -34.71 37.01 -13.14
CA VAL A 225 -33.77 37.34 -14.20
C VAL A 225 -33.15 38.73 -14.08
N ASN A 226 -33.75 39.62 -13.29
CA ASN A 226 -33.18 40.94 -13.05
C ASN A 226 -32.47 40.92 -11.68
N VAL A 227 -32.46 39.74 -11.04
CA VAL A 227 -31.93 39.59 -9.67
C VAL A 227 -32.38 40.77 -8.82
N ASP A 228 -33.69 40.97 -8.78
CA ASP A 228 -34.33 42.05 -8.05
C ASP A 228 -34.41 41.76 -6.56
N LEU A 229 -33.24 41.69 -5.95
CA LEU A 229 -33.07 41.38 -4.56
C LEU A 229 -33.26 42.62 -3.67
N LYS A 230 -34.20 42.55 -2.73
CA LYS A 230 -34.47 43.67 -1.82
C LYS A 230 -34.35 43.19 -0.38
N PHE A 231 -33.22 43.45 0.25
CA PHE A 231 -33.01 42.99 1.62
C PHE A 231 -33.77 43.69 2.71
N PRO A 232 -34.49 42.93 3.56
CA PRO A 232 -35.23 43.52 4.67
C PRO A 232 -34.18 44.16 5.59
N PRO A 233 -34.53 45.25 6.28
CA PRO A 233 -33.63 45.98 7.19
C PRO A 233 -33.03 45.22 8.38
N PHE A 234 -33.70 44.19 8.85
CA PHE A 234 -33.22 43.45 10.01
C PHE A 234 -32.10 42.46 9.74
N LEU A 235 -31.77 42.24 8.48
CA LEU A 235 -30.69 41.29 8.20
C LEU A 235 -29.31 41.87 8.51
N SER A 236 -28.43 41.03 9.02
CA SER A 236 -27.07 41.48 9.32
C SER A 236 -26.31 41.71 8.01
N ASP A 237 -25.25 42.50 8.08
CA ASP A 237 -24.42 42.76 6.89
C ASP A 237 -23.80 41.45 6.42
N GLY A 238 -23.43 40.58 7.36
CA GLY A 238 -22.79 39.33 7.00
C GLY A 238 -23.73 38.40 6.22
N SER A 239 -24.98 38.28 6.65
CA SER A 239 -25.90 37.39 5.95
C SER A 239 -26.16 37.94 4.55
N LYS A 240 -26.30 39.28 4.44
CA LYS A 240 -26.51 39.87 3.13
C LYS A 240 -25.31 39.68 2.22
N ASP A 241 -24.11 39.70 2.78
CA ASP A 241 -22.94 39.52 1.98
C ASP A 241 -22.96 38.12 1.39
N LEU A 242 -23.24 37.12 2.23
CA LEU A 242 -23.27 35.72 1.72
C LEU A 242 -24.37 35.54 0.66
N ILE A 243 -25.58 36.02 0.98
CA ILE A 243 -26.69 35.85 0.02
C ILE A 243 -26.34 36.54 -1.30
N SER A 244 -25.86 37.78 -1.22
CA SER A 244 -25.48 38.52 -2.43
C SER A 244 -24.40 37.81 -3.26
N LYS A 245 -23.49 37.10 -2.58
CA LYS A 245 -22.45 36.40 -3.31
C LYS A 245 -22.91 35.10 -3.96
N LEU A 246 -24.05 34.55 -3.52
CA LEU A 246 -24.59 33.33 -4.13
C LEU A 246 -25.58 33.67 -5.26
N LEU A 247 -26.39 34.68 -5.04
CA LEU A 247 -27.42 35.09 -6.00
C LEU A 247 -26.85 36.02 -7.07
N ARG A 248 -25.91 35.51 -7.83
CA ARG A 248 -25.29 36.29 -8.89
C ARG A 248 -25.91 35.82 -10.21
N TYR A 249 -26.18 36.77 -11.11
CA TYR A 249 -26.80 36.40 -12.39
C TYR A 249 -25.93 35.41 -13.16
N HIS A 250 -24.63 35.66 -13.22
CA HIS A 250 -23.70 34.82 -13.99
C HIS A 250 -23.24 33.66 -13.16
N PRO A 251 -23.53 32.44 -13.62
CA PRO A 251 -23.12 31.30 -12.80
C PRO A 251 -21.65 31.28 -12.36
N PRO A 252 -20.69 31.62 -13.26
CA PRO A 252 -19.26 31.60 -12.89
C PRO A 252 -18.89 32.55 -11.75
N GLN A 253 -19.73 33.54 -11.50
CA GLN A 253 -19.40 34.49 -10.46
C GLN A 253 -19.95 34.14 -9.07
N ARG A 254 -20.75 33.07 -8.99
CA ARG A 254 -21.34 32.67 -7.73
C ARG A 254 -20.27 32.10 -6.81
N LEU A 255 -20.44 32.38 -5.52
CA LEU A 255 -19.49 31.91 -4.50
C LEU A 255 -19.47 30.41 -4.49
N PRO A 256 -18.29 29.77 -4.56
CA PRO A 256 -18.24 28.30 -4.54
C PRO A 256 -18.69 27.77 -3.19
N LEU A 257 -19.07 26.51 -3.17
CA LEU A 257 -19.54 25.88 -1.92
C LEU A 257 -18.48 25.95 -0.82
N LYS A 258 -17.22 25.77 -1.20
CA LYS A 258 -16.13 25.85 -0.21
C LYS A 258 -16.14 27.27 0.36
N GLY A 259 -16.44 28.23 -0.50
CA GLY A 259 -16.53 29.63 -0.10
C GLY A 259 -17.66 29.89 0.89
N VAL A 260 -18.77 29.18 0.74
CA VAL A 260 -19.90 29.31 1.68
C VAL A 260 -19.42 28.77 3.02
N MET A 261 -18.79 27.60 3.01
CA MET A 261 -18.33 27.02 4.28
C MET A 261 -17.32 27.88 5.03
N GLU A 262 -16.52 28.64 4.31
CA GLU A 262 -15.47 29.52 4.87
C GLU A 262 -15.91 30.96 5.02
N HIS A 263 -17.15 31.27 4.64
CA HIS A 263 -17.59 32.65 4.73
C HIS A 263 -17.59 33.07 6.21
N PRO A 264 -17.11 34.30 6.50
CA PRO A 264 -17.07 34.75 7.90
C PRO A 264 -18.35 34.69 8.67
N TRP A 265 -19.47 34.96 8.01
CA TRP A 265 -20.76 34.93 8.69
C TRP A 265 -21.08 33.52 9.07
N VAL A 266 -20.74 32.58 8.18
CA VAL A 266 -20.98 31.18 8.53
C VAL A 266 -20.06 30.76 9.72
N LYS A 267 -18.79 31.10 9.65
CA LYS A 267 -17.86 30.73 10.72
C LYS A 267 -18.27 31.33 12.07
N ALA A 268 -18.70 32.58 12.05
CA ALA A 268 -19.07 33.27 13.29
C ALA A 268 -20.37 32.84 13.93
N ASN A 269 -21.29 32.32 13.12
CA ASN A 269 -22.61 31.94 13.61
C ASN A 269 -22.98 30.47 13.65
N SER A 270 -22.36 29.66 12.81
CA SER A 270 -22.65 28.24 12.77
C SER A 270 -22.24 27.50 14.04
N ARG A 271 -23.11 26.61 14.49
CA ARG A 271 -22.88 25.75 15.68
C ARG A 271 -23.00 24.31 15.18
N ARG A 272 -22.48 24.07 14.00
CA ARG A 272 -22.57 22.74 13.45
C ARG A 272 -21.84 21.66 14.26
N VAL A 273 -22.49 20.52 14.44
CA VAL A 273 -21.87 19.42 15.13
C VAL A 273 -21.96 18.19 14.24
N LEU A 274 -20.85 17.48 14.05
CA LEU A 274 -20.85 16.25 13.22
C LEU A 274 -21.35 15.08 14.05
N PRO A 275 -22.31 14.31 13.51
CA PRO A 275 -22.83 13.16 14.26
C PRO A 275 -21.72 12.15 14.59
N PRO A 276 -21.89 11.43 15.71
CA PRO A 276 -20.89 10.43 16.08
C PRO A 276 -20.80 9.39 14.95
N VAL A 277 -19.59 8.91 14.66
CA VAL A 277 -19.38 7.92 13.61
C VAL A 277 -19.04 6.56 14.23
N TYR A 278 -19.27 5.49 13.48
CA TYR A 278 -18.99 4.14 13.98
C TYR A 278 -17.50 3.83 14.11
N GLN A 279 -17.19 3.06 15.15
CA GLN A 279 -15.85 2.56 15.47
C GLN A 279 -15.67 2.33 16.97
N SER A 280 -14.51 2.40 17.44
N THR B 1 68.01 -3.46 -10.43
CA THR B 1 69.27 -2.73 -10.69
C THR B 1 69.40 -1.61 -9.66
N ALA B 2 70.57 -0.97 -9.63
CA ALA B 2 70.88 0.11 -8.70
C ALA B 2 70.07 1.38 -8.88
N LEU B 3 69.41 1.53 -10.04
CA LEU B 3 68.64 2.74 -10.30
C LEU B 3 67.17 2.40 -10.57
N ALA B 4 66.80 1.15 -10.32
CA ALA B 4 65.43 0.69 -10.50
C ALA B 4 64.51 1.41 -9.53
N GLU B 5 63.27 1.62 -9.94
CA GLU B 5 62.32 2.31 -9.09
C GLU B 5 62.03 1.51 -7.81
N MET B 6 62.08 2.20 -6.66
CA MET B 6 61.83 1.57 -5.37
C MET B 6 60.43 0.89 -5.35
N PRO B 7 60.34 -0.36 -4.88
CA PRO B 7 59.05 -1.06 -4.84
C PRO B 7 58.06 -0.46 -3.83
N LYS B 8 56.79 -0.45 -4.17
CA LYS B 8 55.80 0.08 -3.23
C LYS B 8 55.63 -0.86 -2.04
N ARG B 9 55.16 -0.29 -0.93
CA ARG B 9 54.95 -1.02 0.30
C ARG B 9 53.85 -2.05 0.16
N LYS B 10 54.04 -3.19 0.89
CA LYS B 10 53.00 -4.18 0.90
C LYS B 10 52.75 -4.38 2.39
N PHE B 11 51.60 -5.09 2.72
CA PHE B 11 51.35 -5.37 4.09
C PHE B 11 52.28 -6.44 4.57
N THR B 12 52.46 -6.45 5.88
CA THR B 12 53.32 -7.38 6.58
C THR B 12 52.57 -7.83 7.85
N ILE B 13 52.93 -8.98 8.42
CA ILE B 13 52.25 -9.44 9.63
C ILE B 13 52.41 -8.43 10.76
N ASP B 14 53.44 -7.61 10.69
CA ASP B 14 53.64 -6.62 11.75
C ASP B 14 52.65 -5.45 11.68
N ASP B 15 51.84 -5.41 10.62
CA ASP B 15 50.85 -4.34 10.48
C ASP B 15 49.56 -4.74 11.19
N PHE B 16 49.57 -5.88 11.84
CA PHE B 16 48.37 -6.39 12.49
C PHE B 16 48.47 -6.77 13.95
N ASP B 17 47.39 -6.49 14.65
CA ASP B 17 47.29 -6.88 16.04
C ASP B 17 46.38 -8.09 16.00
N ILE B 18 46.86 -9.29 16.31
CA ILE B 18 45.96 -10.47 16.29
C ILE B 18 45.09 -10.46 17.56
N VAL B 19 43.77 -10.31 17.37
CA VAL B 19 42.84 -10.23 18.49
C VAL B 19 42.39 -11.56 19.08
N ARG B 20 42.09 -12.54 18.23
CA ARG B 20 41.69 -13.89 18.65
C ARG B 20 41.40 -14.78 17.45
N PRO B 21 41.61 -16.09 17.60
CA PRO B 21 41.33 -16.99 16.46
C PRO B 21 39.82 -16.97 16.22
N LEU B 22 39.42 -17.26 14.99
CA LEU B 22 38.00 -17.28 14.66
C LEU B 22 37.58 -18.71 14.39
N GLY B 23 38.53 -19.52 13.97
CA GLY B 23 38.23 -20.91 13.69
C GLY B 23 39.05 -21.46 12.54
N LYS B 24 38.73 -22.68 12.13
CA LYS B 24 39.45 -23.32 11.05
C LYS B 24 38.78 -22.93 9.74
N GLY B 25 39.60 -22.56 8.76
CA GLY B 25 39.08 -22.19 7.46
C GLY B 25 39.66 -23.12 6.43
N LYS B 26 39.20 -22.99 5.19
CA LYS B 26 39.69 -23.82 4.11
C LYS B 26 41.16 -23.56 3.84
N PHE B 27 41.99 -24.55 4.14
CA PHE B 27 43.43 -24.48 3.93
C PHE B 27 44.18 -23.67 4.99
N GLY B 28 43.49 -23.25 6.04
CA GLY B 28 44.17 -22.50 7.10
C GLY B 28 43.32 -21.93 8.22
N ASN B 29 43.98 -21.55 9.31
CA ASN B 29 43.28 -20.95 10.43
C ASN B 29 42.94 -19.51 10.08
N VAL B 30 41.82 -19.02 10.60
CA VAL B 30 41.37 -17.65 10.37
C VAL B 30 41.41 -16.93 11.71
N TYR B 31 42.08 -15.79 11.76
CA TYR B 31 42.19 -15.03 13.00
C TYR B 31 41.47 -13.70 12.91
N LEU B 32 40.97 -13.21 14.04
CA LEU B 32 40.36 -11.89 14.07
C LEU B 32 41.59 -10.99 14.33
N ALA B 33 41.76 -9.94 13.53
CA ALA B 33 42.92 -9.06 13.71
C ALA B 33 42.54 -7.62 13.51
N ARG B 34 43.34 -6.73 14.07
CA ARG B 34 43.05 -5.32 13.90
C ARG B 34 44.23 -4.78 13.10
N GLU B 35 43.96 -4.14 11.97
CA GLU B 35 45.04 -3.56 11.19
C GLU B 35 45.39 -2.28 11.97
N LYS B 36 46.66 -2.12 12.35
CA LYS B 36 47.09 -0.99 13.19
C LYS B 36 46.90 0.45 12.72
N GLN B 37 47.26 0.75 11.47
CA GLN B 37 47.16 2.10 10.94
C GLN B 37 45.75 2.70 11.00
N ASN B 38 44.74 1.88 10.71
CA ASN B 38 43.38 2.37 10.73
C ASN B 38 42.55 1.79 11.85
N LYS B 39 43.20 1.00 12.69
CA LYS B 39 42.55 0.34 13.80
C LYS B 39 41.29 -0.34 13.29
N PHE B 40 41.44 -1.02 12.15
CA PHE B 40 40.31 -1.69 11.48
C PHE B 40 40.32 -3.22 11.69
N ILE B 41 39.18 -3.75 12.14
CA ILE B 41 39.06 -5.16 12.44
C ILE B 41 38.72 -5.94 11.16
N MET B 42 39.45 -7.03 10.94
CA MET B 42 39.26 -7.86 9.75
C MET B 42 39.65 -9.28 10.06
N ALA B 43 39.43 -10.19 9.13
CA ALA B 43 39.84 -11.56 9.39
C ALA B 43 41.13 -11.73 8.64
N LEU B 44 42.00 -12.56 9.18
CA LEU B 44 43.27 -12.80 8.53
C LEU B 44 43.38 -14.31 8.44
N LYS B 45 43.34 -14.83 7.22
CA LYS B 45 43.45 -16.27 7.04
C LYS B 45 44.93 -16.59 6.77
N VAL B 46 45.49 -17.51 7.54
CA VAL B 46 46.89 -17.88 7.39
C VAL B 46 46.98 -19.26 6.76
N LEU B 47 47.67 -19.34 5.63
CA LEU B 47 47.83 -20.58 4.88
C LEU B 47 49.31 -20.94 4.77
N PHE B 48 49.64 -22.19 5.10
CA PHE B 48 51.01 -22.64 5.04
C PHE B 48 51.25 -23.20 3.65
N LYS B 49 52.27 -22.67 2.97
CA LYS B 49 52.59 -23.09 1.61
C LYS B 49 52.80 -24.58 1.46
N SER B 50 53.48 -25.18 2.44
CA SER B 50 53.74 -26.61 2.38
C SER B 50 52.44 -27.39 2.60
N GLN B 51 51.77 -27.11 3.72
CA GLN B 51 50.54 -27.80 4.06
C GLN B 51 49.41 -27.36 3.16
N LEU B 52 49.77 -26.91 1.96
CA LEU B 52 48.79 -26.46 0.99
C LEU B 52 49.21 -27.13 -0.32
N GLU B 53 50.52 -27.31 -0.47
CA GLU B 53 51.06 -27.97 -1.65
C GLU B 53 50.91 -29.48 -1.47
N LYS B 54 50.83 -29.91 -0.21
CA LYS B 54 50.65 -31.32 0.14
C LYS B 54 49.38 -31.81 -0.55
N GLU B 55 48.31 -31.03 -0.38
CA GLU B 55 47.03 -31.36 -0.99
C GLU B 55 47.03 -30.83 -2.41
N GLY B 56 48.18 -30.29 -2.83
CA GLY B 56 48.31 -29.74 -4.18
C GLY B 56 47.17 -28.85 -4.65
N VAL B 57 46.83 -27.83 -3.88
CA VAL B 57 45.74 -26.94 -4.27
C VAL B 57 46.24 -25.55 -4.66
N GLU B 58 47.47 -25.51 -5.17
CA GLU B 58 48.12 -24.28 -5.61
C GLU B 58 47.30 -23.56 -6.68
N HIS B 59 47.21 -24.14 -7.88
CA HIS B 59 46.45 -23.52 -8.97
C HIS B 59 45.04 -23.08 -8.55
N GLN B 60 44.36 -23.90 -7.74
CA GLN B 60 43.02 -23.55 -7.27
C GLN B 60 43.03 -22.28 -6.42
N LEU B 61 43.78 -22.31 -5.34
CA LEU B 61 43.88 -21.18 -4.43
C LEU B 61 44.29 -19.93 -5.20
N ARG B 62 45.08 -20.11 -6.25
CA ARG B 62 45.52 -19.00 -7.09
C ARG B 62 44.31 -18.36 -7.76
N ARG B 63 43.54 -19.17 -8.49
CA ARG B 63 42.34 -18.67 -9.13
C ARG B 63 41.38 -18.02 -8.10
N GLU B 64 41.28 -18.58 -6.89
CA GLU B 64 40.39 -18.02 -5.85
C GLU B 64 40.83 -16.61 -5.41
N ILE B 65 42.13 -16.44 -5.21
CA ILE B 65 42.61 -15.13 -4.81
C ILE B 65 42.39 -14.16 -5.98
N GLU B 66 42.70 -14.60 -7.21
CA GLU B 66 42.52 -13.74 -8.36
C GLU B 66 41.09 -13.22 -8.55
N ILE B 67 40.11 -14.07 -8.27
CA ILE B 67 38.74 -13.67 -8.45
C ILE B 67 38.22 -12.84 -7.30
N GLN B 68 38.37 -13.36 -6.09
CA GLN B 68 37.78 -12.66 -4.95
C GLN B 68 38.43 -11.31 -4.68
N SER B 69 39.74 -11.19 -4.91
CA SER B 69 40.41 -9.91 -4.64
C SER B 69 39.99 -8.83 -5.61
N HIS B 70 39.22 -9.19 -6.66
CA HIS B 70 38.75 -8.22 -7.63
C HIS B 70 37.22 -7.98 -7.58
N LEU B 71 36.56 -8.41 -6.51
CA LEU B 71 35.12 -8.19 -6.43
C LEU B 71 34.83 -7.27 -5.26
N ARG B 72 33.94 -6.31 -5.46
CA ARG B 72 33.56 -5.37 -4.43
C ARG B 72 32.05 -5.20 -4.46
N HIS B 73 31.37 -5.90 -3.53
CA HIS B 73 29.91 -5.86 -3.46
C HIS B 73 29.56 -6.13 -1.99
N PRO B 74 28.49 -5.49 -1.47
CA PRO B 74 28.04 -5.64 -0.07
C PRO B 74 27.69 -7.04 0.38
N ASN B 75 27.41 -7.93 -0.57
CA ASN B 75 27.04 -9.31 -0.24
C ASN B 75 28.05 -10.33 -0.73
N ILE B 76 29.28 -9.83 -0.94
CA ILE B 76 30.41 -10.67 -1.29
C ILE B 76 31.51 -10.35 -0.28
N LEU B 77 31.99 -11.36 0.43
CA LEU B 77 33.03 -11.15 1.45
C LEU B 77 34.26 -10.51 0.78
N ARG B 78 34.66 -9.34 1.24
CA ARG B 78 35.80 -8.68 0.61
C ARG B 78 37.13 -9.36 0.89
N MET B 79 37.99 -9.38 -0.12
CA MET B 79 39.38 -9.80 0.15
C MET B 79 40.11 -8.45 -0.05
N TYR B 80 40.48 -7.79 1.03
CA TYR B 80 41.13 -6.46 0.94
C TYR B 80 42.48 -6.42 0.27
N ASN B 81 43.32 -7.39 0.61
CA ASN B 81 44.66 -7.49 0.07
C ASN B 81 45.21 -8.82 0.57
N TYR B 82 46.49 -9.06 0.30
CA TYR B 82 47.16 -10.27 0.76
C TYR B 82 48.65 -10.04 0.70
N PHE B 83 49.40 -10.90 1.36
CA PHE B 83 50.85 -10.81 1.39
C PHE B 83 51.43 -12.18 1.80
N HIS B 84 52.74 -12.36 1.77
CA HIS B 84 53.27 -13.64 2.19
C HIS B 84 54.67 -13.53 2.77
N ASP B 85 55.13 -14.64 3.34
CA ASP B 85 56.50 -14.68 3.82
C ASP B 85 57.08 -16.01 3.38
N ARG B 86 58.20 -16.39 3.98
CA ARG B 86 58.88 -17.63 3.64
C ARG B 86 57.96 -18.83 3.48
N LYS B 87 57.15 -19.12 4.49
CA LYS B 87 56.28 -20.28 4.41
C LYS B 87 54.78 -20.09 4.63
N ARG B 88 54.28 -18.86 4.52
CA ARG B 88 52.85 -18.61 4.73
C ARG B 88 52.29 -17.57 3.77
N ILE B 89 51.00 -17.70 3.44
CA ILE B 89 50.31 -16.72 2.59
C ILE B 89 49.25 -16.18 3.53
N TYR B 90 49.07 -14.87 3.54
CA TYR B 90 48.08 -14.27 4.44
C TYR B 90 47.03 -13.55 3.59
N LEU B 91 45.78 -13.86 3.83
CA LEU B 91 44.69 -13.23 3.10
C LEU B 91 43.97 -12.26 4.05
N MET B 92 43.85 -11.01 3.65
CA MET B 92 43.18 -10.02 4.46
C MET B 92 41.73 -10.02 4.00
N LEU B 93 40.87 -10.56 4.87
CA LEU B 93 39.47 -10.73 4.50
C LEU B 93 38.50 -9.98 5.41
N GLU B 94 37.32 -9.72 4.89
CA GLU B 94 36.27 -9.04 5.65
C GLU B 94 35.79 -9.93 6.81
N PHE B 95 35.62 -9.30 7.99
CA PHE B 95 35.12 -10.01 9.16
C PHE B 95 33.59 -9.98 9.04
N ALA B 96 32.95 -11.15 9.14
CA ALA B 96 31.49 -11.28 9.07
C ALA B 96 31.10 -11.64 10.51
N PRO B 97 30.77 -10.64 11.32
CA PRO B 97 30.39 -10.85 12.73
C PRO B 97 29.37 -11.93 13.07
N ARG B 98 28.37 -12.16 12.21
CA ARG B 98 27.40 -13.18 12.57
C ARG B 98 27.79 -14.60 12.21
N GLY B 99 28.95 -14.73 11.57
CA GLY B 99 29.48 -16.04 11.27
C GLY B 99 28.84 -16.90 10.20
N GLU B 100 28.89 -18.21 10.43
CA GLU B 100 28.39 -19.22 9.51
C GLU B 100 26.89 -19.25 9.29
N LEU B 101 26.46 -19.07 8.05
CA LEU B 101 25.03 -19.12 7.80
C LEU B 101 24.54 -20.55 8.03
N TYR B 102 25.40 -21.52 7.73
CA TYR B 102 25.05 -22.92 7.86
C TYR B 102 24.70 -23.27 9.32
N LYS B 103 25.45 -22.73 10.26
CA LYS B 103 25.17 -23.02 11.66
C LYS B 103 23.84 -22.41 12.11
N GLU B 104 23.52 -21.25 11.54
CA GLU B 104 22.28 -20.55 11.85
C GLU B 104 21.10 -21.37 11.31
N LEU B 105 21.28 -21.92 10.12
CA LEU B 105 20.20 -22.72 9.55
C LEU B 105 19.98 -23.97 10.39
N GLN B 106 21.05 -24.64 10.78
CA GLN B 106 20.85 -25.88 11.56
C GLN B 106 20.23 -25.54 12.91
N LYS B 107 20.61 -24.39 13.44
CA LYS B 107 20.11 -23.94 14.72
C LYS B 107 18.60 -23.70 14.70
N HIS B 108 18.12 -23.11 13.62
CA HIS B 108 16.70 -22.83 13.55
C HIS B 108 15.89 -23.88 12.80
N GLY B 109 16.57 -24.82 12.16
CA GLY B 109 15.89 -25.86 11.41
C GLY B 109 15.56 -25.36 10.02
N ARG B 110 14.84 -24.26 9.94
CA ARG B 110 14.52 -23.67 8.64
C ARG B 110 14.30 -22.17 8.90
N PHE B 111 14.53 -21.34 7.88
CA PHE B 111 14.32 -19.91 8.03
C PHE B 111 12.88 -19.53 7.65
N ASP B 112 12.37 -18.44 8.23
CA ASP B 112 11.02 -17.98 7.89
C ASP B 112 11.07 -17.31 6.51
N GLU B 113 9.93 -16.87 6.00
CA GLU B 113 9.90 -16.29 4.66
C GLU B 113 10.62 -14.97 4.48
N GLN B 114 10.58 -14.13 5.51
CA GLN B 114 11.28 -12.87 5.39
C GLN B 114 12.81 -13.10 5.40
N ARG B 115 13.33 -13.92 6.31
CA ARG B 115 14.75 -14.18 6.34
C ARG B 115 15.18 -14.78 4.99
N SER B 116 14.41 -15.74 4.50
CA SER B 116 14.76 -16.40 3.22
C SER B 116 14.69 -15.47 2.01
N ALA B 117 13.61 -14.68 1.92
CA ALA B 117 13.51 -13.77 0.78
C ALA B 117 14.61 -12.72 0.80
N THR B 118 14.97 -12.25 2.01
CA THR B 118 16.04 -11.28 2.14
C THR B 118 17.36 -11.90 1.61
N PHE B 119 17.66 -13.10 2.03
CA PHE B 119 18.87 -13.78 1.56
C PHE B 119 18.83 -13.94 0.04
N MET B 120 17.66 -14.29 -0.53
CA MET B 120 17.58 -14.49 -1.98
C MET B 120 17.79 -13.17 -2.72
N GLU B 121 17.28 -12.08 -2.18
CA GLU B 121 17.51 -10.82 -2.85
C GLU B 121 19.02 -10.53 -2.83
N GLU B 122 19.64 -10.68 -1.68
CA GLU B 122 21.10 -10.43 -1.56
C GLU B 122 21.91 -11.36 -2.45
N LEU B 123 21.55 -12.63 -2.43
CA LEU B 123 22.29 -13.57 -3.27
C LEU B 123 22.14 -13.23 -4.76
N ALA B 124 20.92 -12.93 -5.22
CA ALA B 124 20.73 -12.63 -6.65
C ALA B 124 21.51 -11.38 -7.07
N ASP B 125 21.54 -10.39 -6.19
CA ASP B 125 22.27 -9.15 -6.47
C ASP B 125 23.77 -9.43 -6.57
N ALA B 126 24.33 -10.21 -5.65
CA ALA B 126 25.76 -10.57 -5.67
C ALA B 126 26.08 -11.40 -6.88
N LEU B 127 25.21 -12.37 -7.22
CA LEU B 127 25.47 -13.17 -8.40
C LEU B 127 25.38 -12.35 -9.68
N HIS B 128 24.45 -11.41 -9.73
CA HIS B 128 24.35 -10.58 -10.93
C HIS B 128 25.67 -9.80 -11.12
N TYR B 129 26.19 -9.31 -10.00
CA TYR B 129 27.44 -8.56 -10.02
C TYR B 129 28.56 -9.47 -10.56
N CYS B 130 28.59 -10.73 -10.10
CA CYS B 130 29.62 -11.62 -10.62
C CYS B 130 29.42 -11.90 -12.12
N HIS B 131 28.17 -12.21 -12.52
CA HIS B 131 27.96 -12.58 -13.93
C HIS B 131 28.25 -11.42 -14.86
N GLU B 132 28.00 -10.21 -14.40
CA GLU B 132 28.30 -9.06 -15.25
C GLU B 132 29.80 -8.99 -15.55
N ARG B 133 30.61 -9.60 -14.70
CA ARG B 133 32.06 -9.62 -14.84
C ARG B 133 32.52 -10.98 -15.36
N LYS B 134 31.55 -11.75 -15.87
CA LYS B 134 31.85 -13.06 -16.41
C LYS B 134 32.44 -13.98 -15.36
N VAL B 135 32.07 -13.79 -14.09
CA VAL B 135 32.57 -14.70 -13.08
C VAL B 135 31.43 -15.65 -12.73
N ILE B 136 31.66 -16.96 -12.79
CA ILE B 136 30.61 -17.92 -12.43
C ILE B 136 31.03 -18.51 -11.07
N HIS B 137 30.12 -18.58 -10.10
CA HIS B 137 30.51 -19.05 -8.78
C HIS B 137 30.68 -20.59 -8.68
N ARG B 138 29.63 -21.28 -9.12
CA ARG B 138 29.57 -22.73 -9.21
C ARG B 138 29.49 -23.56 -7.94
N ASP B 139 29.46 -22.92 -6.79
CA ASP B 139 29.32 -23.71 -5.58
C ASP B 139 28.52 -22.99 -4.51
N ILE B 140 27.41 -22.35 -4.90
CA ILE B 140 26.58 -21.69 -3.88
C ILE B 140 25.88 -22.80 -3.08
N LYS B 141 26.04 -22.71 -1.76
CA LYS B 141 25.46 -23.65 -0.79
C LYS B 141 25.60 -22.96 0.57
N PRO B 142 24.84 -23.41 1.58
CA PRO B 142 24.96 -22.72 2.87
C PRO B 142 26.35 -22.58 3.48
N GLU B 143 27.16 -23.63 3.37
CA GLU B 143 28.49 -23.57 3.98
C GLU B 143 29.46 -22.55 3.37
N ASN B 144 29.12 -22.04 2.20
CA ASN B 144 29.98 -21.03 1.60
C ASN B 144 29.48 -19.60 1.86
N LEU B 145 28.53 -19.46 2.79
CA LEU B 145 27.97 -18.14 3.04
C LEU B 145 28.18 -17.74 4.50
N LEU B 146 28.57 -16.49 4.72
CA LEU B 146 28.73 -15.98 6.10
C LEU B 146 27.71 -14.87 6.25
N MET B 147 27.61 -14.29 7.44
CA MET B 147 26.62 -13.25 7.64
C MET B 147 27.28 -12.05 8.28
N GLY B 148 26.88 -10.88 7.77
CA GLY B 148 27.39 -9.60 8.25
C GLY B 148 26.75 -9.19 9.57
N TYR B 149 27.12 -8.00 10.02
CA TYR B 149 26.65 -7.51 11.32
C TYR B 149 25.14 -7.49 11.49
N LYS B 150 24.41 -7.09 10.45
CA LYS B 150 22.97 -7.10 10.52
C LYS B 150 22.42 -8.33 9.81
N GLY B 151 23.27 -9.34 9.70
CA GLY B 151 22.83 -10.61 9.14
C GLY B 151 22.85 -10.69 7.63
N GLU B 152 23.38 -9.65 6.97
CA GLU B 152 23.41 -9.68 5.50
C GLU B 152 24.24 -10.84 4.97
N LEU B 153 23.75 -11.48 3.91
CA LEU B 153 24.47 -12.61 3.31
C LEU B 153 25.81 -12.16 2.74
N LYS B 154 26.84 -12.99 2.91
CA LYS B 154 28.17 -12.73 2.33
C LYS B 154 28.66 -13.98 1.62
N ILE B 155 28.80 -13.94 0.30
CA ILE B 155 29.38 -15.10 -0.40
C ILE B 155 30.84 -15.09 0.04
N ALA B 156 31.27 -16.17 0.67
CA ALA B 156 32.59 -16.20 1.28
C ALA B 156 33.65 -17.14 0.78
N ASP B 157 33.33 -18.02 -0.15
CA ASP B 157 34.34 -18.93 -0.65
C ASP B 157 34.16 -18.91 -2.17
N PHE B 158 35.26 -18.83 -2.91
CA PHE B 158 35.21 -18.78 -4.38
C PHE B 158 36.11 -19.86 -4.95
N GLY B 159 36.22 -20.94 -4.18
CA GLY B 159 37.08 -22.06 -4.53
C GLY B 159 36.83 -22.74 -5.85
N TRP B 160 35.58 -22.72 -6.33
CA TRP B 160 35.33 -23.35 -7.62
C TRP B 160 34.89 -22.34 -8.65
N SER B 161 35.03 -21.06 -8.32
CA SER B 161 34.64 -20.01 -9.23
C SER B 161 35.59 -19.89 -10.40
N VAL B 162 35.13 -19.24 -11.45
CA VAL B 162 35.93 -19.07 -12.63
C VAL B 162 35.62 -17.81 -13.40
N HIS B 163 36.64 -17.17 -13.95
CA HIS B 163 36.40 -16.00 -14.80
C HIS B 163 36.35 -16.66 -16.18
N ALA B 164 35.17 -16.63 -16.79
CA ALA B 164 34.89 -17.27 -18.06
C ALA B 164 34.46 -16.30 -19.14
N PRO B 165 35.43 -15.70 -19.84
CA PRO B 165 35.12 -14.75 -20.91
C PRO B 165 34.10 -15.28 -21.91
N SER B 166 34.12 -16.58 -22.21
CA SER B 166 33.17 -17.15 -23.17
C SER B 166 31.90 -17.71 -22.50
N LEU B 167 31.90 -17.74 -21.16
CA LEU B 167 30.78 -18.30 -20.39
C LEU B 167 30.46 -19.75 -20.83
N ARG B 168 31.49 -20.54 -21.07
CA ARG B 168 31.31 -21.96 -21.44
C ARG B 168 32.46 -22.67 -20.77
N ARG B 169 32.16 -23.54 -19.81
CA ARG B 169 33.20 -24.24 -19.07
C ARG B 169 32.84 -25.70 -18.93
N ARG B 170 33.82 -26.51 -18.54
CA ARG B 170 33.51 -27.92 -18.40
C ARG B 170 34.00 -28.60 -17.16
N TPO B 171 34.66 -27.87 -16.26
CA TPO B 171 35.17 -28.46 -15.04
CB TPO B 171 36.00 -27.48 -14.25
CG2 TPO B 171 36.72 -28.19 -13.10
OG1 TPO B 171 36.95 -26.85 -15.11
P TPO B 171 36.91 -25.35 -15.07
O1P TPO B 171 37.93 -24.42 -14.63
O2P TPO B 171 35.77 -24.85 -15.96
O3P TPO B 171 37.78 -25.60 -16.23
C TPO B 171 34.03 -28.87 -14.21
O TPO B 171 33.03 -28.24 -13.89
N MET B 172 33.92 -30.41 -13.68
CA MET B 172 32.83 -30.72 -12.84
C MET B 172 33.18 -30.20 -11.45
N CYS B 173 32.25 -29.45 -10.87
CA CYS B 173 32.50 -28.97 -9.55
C CYS B 173 31.18 -28.63 -8.94
N GLY B 174 31.21 -28.48 -7.63
CA GLY B 174 30.00 -28.16 -6.92
C GLY B 174 29.93 -29.11 -5.77
N THR B 175 28.71 -29.26 -5.27
CA THR B 175 28.45 -30.11 -4.12
C THR B 175 27.19 -30.92 -4.46
N LEU B 176 27.21 -32.21 -4.13
CA LEU B 176 26.16 -33.12 -4.50
C LEU B 176 24.70 -32.64 -4.54
N ASP B 177 24.16 -32.22 -3.39
CA ASP B 177 22.77 -31.82 -3.34
C ASP B 177 22.44 -30.59 -4.17
N TYR B 178 23.48 -29.83 -4.53
CA TYR B 178 23.31 -28.60 -5.28
C TYR B 178 23.65 -28.68 -6.76
N LEU B 179 24.16 -29.81 -7.21
CA LEU B 179 24.59 -29.90 -8.61
C LEU B 179 23.48 -29.72 -9.62
N PRO B 180 23.71 -28.86 -10.62
CA PRO B 180 22.70 -28.67 -11.67
C PRO B 180 22.76 -29.92 -12.53
N PRO B 181 21.67 -30.21 -13.24
CA PRO B 181 21.64 -31.40 -14.11
C PRO B 181 22.80 -31.43 -15.10
N GLU B 182 23.16 -30.28 -15.69
CA GLU B 182 24.25 -30.23 -16.68
C GLU B 182 25.60 -30.57 -16.06
N MET B 183 25.79 -30.30 -14.78
CA MET B 183 27.03 -30.69 -14.11
C MET B 183 27.05 -32.21 -13.95
N ILE B 184 25.98 -32.77 -13.42
CA ILE B 184 25.91 -34.23 -13.24
C ILE B 184 26.10 -34.97 -14.54
N GLU B 185 25.49 -34.45 -15.59
CA GLU B 185 25.53 -35.05 -16.91
C GLU B 185 26.81 -34.75 -17.69
N GLY B 186 27.72 -33.97 -17.09
CA GLY B 186 28.99 -33.66 -17.74
C GLY B 186 28.87 -32.84 -19.01
N LYS B 187 27.87 -31.97 -19.05
CA LYS B 187 27.67 -31.13 -20.23
C LYS B 187 28.33 -29.78 -20.07
N THR B 188 28.71 -29.14 -21.17
CA THR B 188 29.34 -27.83 -21.09
C THR B 188 28.35 -26.92 -20.32
N HIS B 189 28.84 -26.17 -19.35
CA HIS B 189 27.93 -25.30 -18.58
C HIS B 189 28.25 -23.82 -18.68
N ASP B 190 27.32 -22.97 -18.25
CA ASP B 190 27.55 -21.54 -18.31
C ASP B 190 27.14 -20.93 -16.97
N GLU B 191 26.92 -19.62 -16.96
CA GLU B 191 26.56 -18.95 -15.72
C GLU B 191 25.21 -19.39 -15.13
N LYS B 192 24.37 -20.05 -15.92
CA LYS B 192 23.07 -20.43 -15.39
C LYS B 192 23.15 -21.54 -14.35
N VAL B 193 24.33 -22.12 -14.19
CA VAL B 193 24.50 -23.10 -13.11
C VAL B 193 24.22 -22.37 -11.79
N ASP B 194 24.59 -21.08 -11.70
CA ASP B 194 24.31 -20.39 -10.45
C ASP B 194 22.82 -20.15 -10.20
N LEU B 195 22.01 -20.04 -11.24
CA LEU B 195 20.56 -19.82 -11.07
C LEU B 195 19.96 -21.11 -10.48
N TRP B 196 20.44 -22.25 -10.97
CA TRP B 196 19.93 -23.52 -10.43
C TRP B 196 20.31 -23.59 -8.94
N CYS B 197 21.59 -23.36 -8.61
CA CYS B 197 22.00 -23.44 -7.22
C CYS B 197 21.24 -22.48 -6.31
N ALA B 198 20.92 -21.28 -6.81
CA ALA B 198 20.13 -20.33 -6.01
C ALA B 198 18.76 -20.91 -5.69
N GLY B 199 18.19 -21.66 -6.65
CA GLY B 199 16.89 -22.27 -6.39
C GLY B 199 16.99 -23.37 -5.33
N VAL B 200 18.06 -24.14 -5.38
CA VAL B 200 18.24 -25.22 -4.38
C VAL B 200 18.40 -24.55 -3.02
N LEU B 201 19.16 -23.46 -2.98
CA LEU B 201 19.41 -22.77 -1.72
C LEU B 201 18.10 -22.22 -1.12
N CYS B 202 17.26 -21.64 -1.99
CA CYS B 202 15.99 -21.11 -1.51
C CYS B 202 15.16 -22.22 -0.87
N TYR B 203 15.10 -23.36 -1.55
CA TYR B 203 14.38 -24.51 -1.02
C TYR B 203 14.97 -24.92 0.32
N GLU B 204 16.28 -25.08 0.40
CA GLU B 204 16.88 -25.50 1.68
C GLU B 204 16.66 -24.51 2.82
N PHE B 205 16.74 -23.22 2.51
CA PHE B 205 16.46 -22.21 3.52
C PHE B 205 15.06 -22.36 4.10
N LEU B 206 14.09 -22.57 3.22
CA LEU B 206 12.70 -22.64 3.67
C LEU B 206 12.21 -23.98 4.20
N VAL B 207 12.83 -25.03 3.71
CA VAL B 207 12.47 -26.41 4.04
C VAL B 207 13.32 -27.06 5.11
N GLY B 208 14.59 -26.68 5.18
CA GLY B 208 15.47 -27.25 6.20
C GLY B 208 16.32 -28.41 5.70
N MET B 209 16.08 -28.84 4.47
CA MET B 209 16.87 -29.91 3.82
C MET B 209 16.83 -29.64 2.31
N PRO B 210 17.86 -30.07 1.54
CA PRO B 210 17.84 -29.83 0.10
C PRO B 210 16.75 -30.65 -0.57
N PRO B 211 16.30 -30.19 -1.75
CA PRO B 211 15.23 -30.83 -2.53
C PRO B 211 15.39 -32.23 -3.03
N PHE B 212 16.62 -32.62 -3.31
CA PHE B 212 16.85 -33.93 -3.85
C PHE B 212 17.59 -34.90 -2.93
N ASP B 213 17.55 -34.62 -1.62
CA ASP B 213 18.18 -35.47 -0.61
C ASP B 213 17.71 -36.91 -0.72
N SER B 214 18.64 -37.83 -0.55
CA SER B 214 18.32 -39.25 -0.60
C SER B 214 19.47 -39.95 0.10
N PRO B 215 19.31 -41.22 0.46
CA PRO B 215 20.41 -41.94 1.14
C PRO B 215 21.57 -42.27 0.17
N SER B 216 21.25 -42.40 -1.11
CA SER B 216 22.23 -42.74 -2.14
C SER B 216 22.56 -41.70 -3.20
N HIS B 217 23.82 -41.70 -3.65
CA HIS B 217 24.31 -40.79 -4.71
C HIS B 217 23.50 -40.96 -5.98
N THR B 218 23.29 -42.23 -6.35
CA THR B 218 22.55 -42.56 -7.57
C THR B 218 21.10 -42.06 -7.52
N GLU B 219 20.47 -42.15 -6.36
CA GLU B 219 19.09 -41.68 -6.26
C GLU B 219 19.08 -40.15 -6.31
N THR B 220 20.04 -39.49 -5.65
CA THR B 220 20.04 -38.01 -5.69
C THR B 220 20.33 -37.55 -7.12
N HIS B 221 21.30 -38.17 -7.80
CA HIS B 221 21.57 -37.79 -9.20
C HIS B 221 20.30 -37.99 -10.04
N ARG B 222 19.61 -39.12 -9.84
CA ARG B 222 18.37 -39.40 -10.55
C ARG B 222 17.30 -38.33 -10.28
N ARG B 223 17.17 -37.93 -9.02
CA ARG B 223 16.17 -36.93 -8.66
C ARG B 223 16.52 -35.56 -9.27
N ILE B 224 17.81 -35.23 -9.29
CA ILE B 224 18.22 -33.94 -9.89
C ILE B 224 17.97 -33.91 -11.40
N VAL B 225 18.46 -34.92 -12.14
CA VAL B 225 18.26 -34.88 -13.58
C VAL B 225 16.79 -34.94 -14.00
N ASN B 226 15.95 -35.54 -13.17
CA ASN B 226 14.54 -35.58 -13.51
C ASN B 226 13.74 -34.49 -12.79
N VAL B 227 14.45 -33.56 -12.15
CA VAL B 227 13.86 -32.48 -11.38
C VAL B 227 12.67 -32.99 -10.57
N ASP B 228 12.93 -34.01 -9.76
CA ASP B 228 11.91 -34.63 -8.95
C ASP B 228 11.58 -33.84 -7.69
N LEU B 229 10.95 -32.66 -7.85
CA LEU B 229 10.59 -31.84 -6.69
C LEU B 229 9.38 -32.30 -5.92
N LYS B 230 9.48 -32.29 -4.60
CA LYS B 230 8.36 -32.69 -3.76
C LYS B 230 8.24 -31.65 -2.65
N PHE B 231 7.61 -30.54 -3.03
CA PHE B 231 7.44 -29.43 -2.11
C PHE B 231 6.63 -29.80 -0.89
N PRO B 232 7.14 -29.48 0.29
CA PRO B 232 6.37 -29.80 1.51
C PRO B 232 5.12 -28.91 1.55
N PRO B 233 4.03 -29.40 2.17
CA PRO B 233 2.78 -28.67 2.29
C PRO B 233 2.87 -27.34 3.06
N PHE B 234 3.92 -27.15 3.87
CA PHE B 234 4.04 -25.92 4.64
C PHE B 234 4.62 -24.72 3.87
N LEU B 235 5.04 -24.94 2.63
CA LEU B 235 5.56 -23.84 1.83
C LEU B 235 4.45 -22.99 1.20
N SER B 236 4.67 -21.67 1.16
CA SER B 236 3.68 -20.76 0.56
C SER B 236 3.68 -20.89 -0.96
N ASP B 237 2.59 -20.45 -1.58
CA ASP B 237 2.51 -20.47 -3.03
C ASP B 237 3.61 -19.61 -3.65
N GLY B 238 3.91 -18.46 -3.06
CA GLY B 238 4.92 -17.58 -3.62
C GLY B 238 6.32 -18.20 -3.65
N SER B 239 6.70 -18.88 -2.57
CA SER B 239 8.05 -19.46 -2.57
C SER B 239 8.15 -20.64 -3.53
N LYS B 240 7.07 -21.42 -3.63
CA LYS B 240 7.11 -22.55 -4.54
C LYS B 240 7.20 -22.01 -5.95
N ASP B 241 6.54 -20.88 -6.20
CA ASP B 241 6.59 -20.34 -7.55
C ASP B 241 8.04 -19.98 -7.93
N LEU B 242 8.70 -19.26 -7.04
CA LEU B 242 10.07 -18.86 -7.28
C LEU B 242 10.98 -20.04 -7.48
N ILE B 243 10.91 -21.01 -6.59
CA ILE B 243 11.79 -22.19 -6.71
C ILE B 243 11.48 -22.95 -8.00
N SER B 244 10.21 -23.09 -8.32
CA SER B 244 9.85 -23.86 -9.54
C SER B 244 10.36 -23.17 -10.78
N LYS B 245 10.55 -21.86 -10.70
CA LYS B 245 11.03 -21.13 -11.86
C LYS B 245 12.56 -21.13 -12.00
N LEU B 246 13.25 -21.44 -10.88
CA LEU B 246 14.70 -21.53 -10.91
C LEU B 246 15.20 -22.94 -11.22
N LEU B 247 14.54 -23.94 -10.65
CA LEU B 247 14.97 -25.33 -10.85
C LEU B 247 14.40 -25.89 -12.15
N ARG B 248 14.91 -25.38 -13.26
CA ARG B 248 14.50 -25.87 -14.55
C ARG B 248 15.62 -26.69 -15.13
N TYR B 249 15.26 -27.83 -15.73
CA TYR B 249 16.29 -28.66 -16.34
C TYR B 249 17.07 -27.95 -17.46
N HIS B 250 16.36 -27.29 -18.38
CA HIS B 250 16.97 -26.58 -19.51
C HIS B 250 17.45 -25.24 -18.96
N PRO B 251 18.78 -25.02 -18.95
CA PRO B 251 19.28 -23.76 -18.40
C PRO B 251 18.65 -22.45 -18.85
N PRO B 252 18.48 -22.25 -20.17
CA PRO B 252 17.88 -20.99 -20.66
C PRO B 252 16.49 -20.68 -20.13
N GLN B 253 15.80 -21.68 -19.59
CA GLN B 253 14.45 -21.46 -19.05
C GLN B 253 14.46 -20.95 -17.59
N ARG B 254 15.61 -21.00 -16.95
CA ARG B 254 15.69 -20.58 -15.56
C ARG B 254 15.41 -19.11 -15.42
N LEU B 255 14.71 -18.74 -14.34
CA LEU B 255 14.38 -17.34 -14.08
C LEU B 255 15.68 -16.51 -13.94
N PRO B 256 15.80 -15.38 -14.68
CA PRO B 256 17.01 -14.58 -14.55
C PRO B 256 17.15 -13.98 -13.18
N LEU B 257 18.39 -13.66 -12.80
CA LEU B 257 18.62 -13.03 -11.49
C LEU B 257 17.76 -11.75 -11.32
N LYS B 258 17.58 -10.98 -12.38
CA LYS B 258 16.76 -9.77 -12.22
C LYS B 258 15.31 -10.18 -11.93
N GLY B 259 14.90 -11.30 -12.51
CA GLY B 259 13.56 -11.79 -12.27
C GLY B 259 13.43 -12.28 -10.85
N VAL B 260 14.52 -12.75 -10.25
CA VAL B 260 14.49 -13.19 -8.86
C VAL B 260 14.29 -11.95 -8.00
N MET B 261 15.07 -10.93 -8.28
CA MET B 261 14.99 -9.70 -7.45
C MET B 261 13.63 -9.01 -7.57
N GLU B 262 12.96 -9.15 -8.71
CA GLU B 262 11.65 -8.57 -8.93
C GLU B 262 10.48 -9.52 -8.68
N HIS B 263 10.78 -10.76 -8.27
CA HIS B 263 9.71 -11.74 -8.01
C HIS B 263 8.79 -11.23 -6.87
N PRO B 264 7.46 -11.32 -7.06
CA PRO B 264 6.49 -10.87 -6.05
C PRO B 264 6.74 -11.36 -4.65
N TRP B 265 7.14 -12.62 -4.51
CA TRP B 265 7.40 -13.16 -3.19
C TRP B 265 8.64 -12.49 -2.58
N VAL B 266 9.66 -12.26 -3.41
CA VAL B 266 10.86 -11.62 -2.92
C VAL B 266 10.55 -10.19 -2.52
N LYS B 267 9.85 -9.48 -3.40
CA LYS B 267 9.52 -8.09 -3.10
C LYS B 267 8.64 -7.96 -1.85
N ALA B 268 7.69 -8.86 -1.69
CA ALA B 268 6.81 -8.77 -0.53
C ALA B 268 7.48 -9.17 0.78
N ASN B 269 8.42 -10.11 0.74
CA ASN B 269 9.04 -10.58 1.99
C ASN B 269 10.45 -10.14 2.36
N SER B 270 11.21 -9.61 1.42
CA SER B 270 12.57 -9.17 1.72
C SER B 270 12.58 -7.98 2.68
N ARG B 271 13.51 -8.00 3.65
CA ARG B 271 13.70 -6.92 4.63
C ARG B 271 15.19 -6.55 4.54
N ARG B 272 15.69 -6.56 3.31
CA ARG B 272 17.10 -6.28 3.09
C ARG B 272 17.56 -4.90 3.55
N VAL B 273 18.71 -4.86 4.20
CA VAL B 273 19.31 -3.61 4.63
C VAL B 273 20.69 -3.51 3.98
N LEU B 274 21.08 -2.33 3.50
CA LEU B 274 22.41 -2.19 2.93
C LEU B 274 23.36 -1.68 4.01
N PRO B 275 24.60 -2.16 4.01
CA PRO B 275 25.58 -1.72 5.01
C PRO B 275 25.67 -0.19 4.97
N PRO B 276 25.78 0.44 6.14
CA PRO B 276 25.86 1.90 6.22
C PRO B 276 26.89 2.51 5.31
N VAL B 277 26.59 3.74 4.90
CA VAL B 277 27.52 4.47 4.06
C VAL B 277 28.35 5.36 5.00
N TYR B 278 29.46 5.85 4.46
CA TYR B 278 30.37 6.75 5.16
C TYR B 278 29.55 7.81 5.88
N GLN B 279 30.06 8.27 7.00
CA GLN B 279 29.36 9.28 7.77
C GLN B 279 30.30 10.44 8.05
N SER B 280 31.53 10.21 8.06
N ALA C 3 45.43 -14.99 27.27
CA ALA C 3 44.35 -15.49 26.36
C ALA C 3 44.02 -14.40 25.33
N TRP C 4 43.05 -14.66 24.46
CA TRP C 4 42.68 -13.71 23.41
C TRP C 4 41.60 -12.68 23.77
N ALA C 5 40.91 -12.17 22.74
CA ALA C 5 39.85 -11.17 22.87
C ALA C 5 38.78 -11.48 23.89
N SER C 6 38.46 -10.46 24.68
CA SER C 6 37.46 -10.55 25.75
C SER C 6 36.03 -10.64 25.22
N GLY C 7 35.87 -10.48 23.92
CA GLY C 7 34.53 -10.54 23.36
C GLY C 7 33.73 -9.31 23.74
N ASN C 8 33.50 -9.09 25.03
CA ASN C 8 32.74 -7.92 25.45
C ASN C 8 33.37 -6.65 24.88
N LEU C 9 34.69 -6.51 24.99
CA LEU C 9 35.34 -5.32 24.47
C LEU C 9 35.24 -5.28 22.94
N LEU C 10 35.37 -6.43 22.30
CA LEU C 10 35.29 -6.50 20.83
C LEU C 10 33.96 -5.98 20.29
N THR C 11 32.87 -6.39 20.92
CA THR C 11 31.53 -6.00 20.48
C THR C 11 31.31 -4.54 20.09
N GLN C 12 31.68 -3.62 20.97
CA GLN C 12 31.48 -2.20 20.70
C GLN C 12 32.30 -1.71 19.52
N ALA C 13 33.50 -2.27 19.37
CA ALA C 13 34.37 -1.87 18.28
C ALA C 13 33.78 -2.39 16.97
N ILE C 14 33.33 -3.64 16.99
CA ILE C 14 32.72 -4.24 15.80
C ILE C 14 31.49 -3.45 15.37
N ARG C 15 30.64 -3.10 16.32
CA ARG C 15 29.44 -2.33 16.01
C ARG C 15 29.76 -0.95 15.46
N GLN C 16 30.74 -0.28 16.05
CA GLN C 16 31.10 1.06 15.58
C GLN C 16 31.65 0.98 14.16
N GLN C 17 32.39 -0.10 13.91
CA GLN C 17 32.99 -0.29 12.61
C GLN C 17 31.89 -0.41 11.56
N TYR C 18 30.81 -1.08 11.93
CA TYR C 18 29.70 -1.25 11.01
C TYR C 18 28.97 0.07 10.73
N TYR C 19 28.65 0.85 11.77
CA TYR C 19 27.97 2.12 11.56
C TYR C 19 28.90 3.26 11.16
N LYS C 20 30.17 3.17 11.55
CA LYS C 20 31.15 4.19 11.19
C LYS C 20 32.29 3.54 10.36
N PRO C 21 31.94 3.05 9.16
CA PRO C 21 32.92 2.42 8.27
C PRO C 21 33.99 3.38 7.75
N ILE C 22 35.13 2.86 7.36
CA ILE C 22 36.20 3.66 6.81
C ILE C 22 36.26 3.28 5.34
N ASP C 23 36.90 4.11 4.51
CA ASP C 23 37.00 3.79 3.09
C ASP C 23 38.08 2.75 2.83
N VAL C 24 37.76 1.48 3.05
CA VAL C 24 38.71 0.39 2.86
C VAL C 24 39.22 0.28 1.43
N ASP C 25 38.39 0.65 0.48
CA ASP C 25 38.78 0.58 -0.91
C ASP C 25 39.99 1.47 -1.13
N ARG C 26 40.02 2.61 -0.44
CA ARG C 26 41.15 3.53 -0.58
C ARG C 26 42.30 3.10 0.33
N MET C 27 41.99 2.85 1.60
CA MET C 27 43.00 2.44 2.56
C MET C 27 43.72 1.13 2.25
N TYR C 28 43.01 0.18 1.64
CA TYR C 28 43.63 -1.12 1.35
C TYR C 28 43.79 -1.45 -0.12
N GLY C 29 42.86 -0.94 -0.93
CA GLY C 29 42.91 -1.17 -2.36
C GLY C 29 44.04 -0.42 -3.03
N THR C 30 44.54 0.64 -2.40
CA THR C 30 45.63 1.40 -3.00
C THR C 30 47.01 0.84 -2.65
N ILE C 31 47.06 -0.15 -1.76
CA ILE C 31 48.32 -0.75 -1.36
C ILE C 31 48.63 -1.94 -2.28
N ASP C 32 49.91 -2.06 -2.65
CA ASP C 32 50.36 -3.12 -3.53
C ASP C 32 50.28 -4.50 -2.88
N SER C 33 50.32 -5.52 -3.71
CA SER C 33 50.29 -6.90 -3.19
C SER C 33 51.32 -7.68 -3.98
N PRO C 34 51.77 -8.81 -3.44
CA PRO C 34 52.76 -9.62 -4.18
C PRO C 34 52.14 -10.16 -5.44
N LYS C 35 52.98 -10.50 -6.43
CA LYS C 35 52.42 -11.07 -7.65
C LYS C 35 51.99 -12.50 -7.33
N LEU C 36 50.89 -12.93 -7.95
CA LEU C 36 50.40 -14.29 -7.68
C LEU C 36 51.51 -15.30 -7.89
N GLU C 37 52.34 -15.08 -8.92
CA GLU C 37 53.46 -15.97 -9.22
C GLU C 37 54.41 -16.09 -8.03
N GLU C 38 54.64 -14.99 -7.31
CA GLU C 38 55.52 -15.00 -6.16
C GLU C 38 54.98 -15.91 -5.05
N LEU C 39 53.67 -15.86 -4.82
CA LEU C 39 53.06 -16.65 -3.76
C LEU C 39 53.46 -18.11 -3.78
N PHE C 40 53.53 -18.67 -4.98
CA PHE C 40 53.89 -20.06 -5.13
C PHE C 40 55.26 -20.30 -5.76
N ASN C 41 55.51 -19.77 -6.87
N ASN D 8 -40.96 7.44 25.59
CA ASN D 8 -40.82 6.04 26.08
C ASN D 8 -39.37 5.62 25.98
N LEU D 9 -39.15 4.36 25.61
CA LEU D 9 -37.81 3.86 25.43
C LEU D 9 -37.55 3.71 23.95
N LEU D 10 -38.24 4.55 23.20
CA LEU D 10 -38.10 4.65 21.76
C LEU D 10 -37.32 5.94 21.63
N THR D 11 -37.79 6.98 22.31
CA THR D 11 -37.11 8.26 22.31
C THR D 11 -35.72 7.94 22.83
N GLN D 12 -35.69 7.15 23.89
CA GLN D 12 -34.44 6.76 24.49
C GLN D 12 -33.70 5.76 23.60
N ALA D 13 -34.43 5.11 22.71
CA ALA D 13 -33.80 4.16 21.78
C ALA D 13 -33.17 4.95 20.62
N ILE D 14 -33.83 6.04 20.23
CA ILE D 14 -33.37 6.91 19.16
C ILE D 14 -32.08 7.61 19.58
N ARG D 15 -32.03 7.99 20.85
CA ARG D 15 -30.87 8.68 21.41
C ARG D 15 -29.66 7.76 21.44
N GLN D 16 -29.87 6.50 21.79
CA GLN D 16 -28.74 5.59 21.82
C GLN D 16 -28.22 5.28 20.42
N GLN D 17 -29.10 5.37 19.42
CA GLN D 17 -28.67 5.14 18.06
C GLN D 17 -27.74 6.26 17.61
N TYR D 18 -28.06 7.49 18.00
CA TYR D 18 -27.23 8.63 17.65
C TYR D 18 -25.85 8.52 18.29
N TYR D 19 -25.80 8.17 19.57
CA TYR D 19 -24.51 8.07 20.27
C TYR D 19 -23.74 6.78 20.07
N LYS D 20 -24.46 5.70 19.76
CA LYS D 20 -23.82 4.40 19.52
C LYS D 20 -24.17 3.93 18.09
N PRO D 21 -23.56 4.56 17.09
CA PRO D 21 -23.78 4.20 15.68
C PRO D 21 -23.36 2.78 15.37
N ILE D 22 -24.11 2.15 14.50
CA ILE D 22 -23.78 0.80 14.08
C ILE D 22 -22.97 0.93 12.80
N ASP D 23 -22.34 -0.16 12.39
CA ASP D 23 -21.56 -0.19 11.17
C ASP D 23 -22.56 -0.44 10.03
N VAL D 24 -23.36 0.56 9.68
CA VAL D 24 -24.36 0.43 8.62
C VAL D 24 -23.80 0.03 7.27
N ASP D 25 -22.59 0.52 6.96
CA ASP D 25 -21.94 0.20 5.70
C ASP D 25 -21.68 -1.31 5.59
N ARG D 26 -21.52 -1.96 6.73
CA ARG D 26 -21.28 -3.40 6.74
C ARG D 26 -22.58 -4.16 7.01
N MET D 27 -23.33 -3.68 8.01
CA MET D 27 -24.58 -4.29 8.42
C MET D 27 -25.65 -4.21 7.33
N TYR D 28 -25.53 -3.23 6.43
CA TYR D 28 -26.51 -3.09 5.37
C TYR D 28 -25.86 -2.94 4.00
N GLY D 29 -24.73 -2.22 3.95
CA GLY D 29 -24.06 -2.01 2.67
C GLY D 29 -23.41 -3.25 2.09
N THR D 30 -23.53 -4.36 2.80
CA THR D 30 -22.96 -5.64 2.37
C THR D 30 -24.01 -6.61 1.85
N ILE D 31 -25.22 -6.49 2.37
CA ILE D 31 -26.34 -7.35 1.97
C ILE D 31 -26.72 -7.10 0.51
N ASP D 32 -26.92 -8.16 -0.25
CA ASP D 32 -27.31 -8.01 -1.65
C ASP D 32 -28.63 -7.25 -1.79
N SER D 33 -28.85 -6.67 -2.96
CA SER D 33 -30.06 -5.92 -3.23
C SER D 33 -30.56 -6.31 -4.61
N PRO D 34 -31.88 -6.19 -4.86
CA PRO D 34 -32.37 -6.55 -6.19
C PRO D 34 -31.76 -5.63 -7.24
N LYS D 35 -31.52 -6.15 -8.44
CA LYS D 35 -30.99 -5.31 -9.50
C LYS D 35 -32.07 -4.29 -9.84
N LEU D 36 -31.68 -3.14 -10.38
CA LEU D 36 -32.65 -2.11 -10.72
C LEU D 36 -33.65 -2.56 -11.79
N GLU D 37 -33.20 -3.45 -12.68
CA GLU D 37 -34.07 -3.98 -13.74
C GLU D 37 -35.25 -4.75 -13.16
N GLU D 38 -34.97 -5.56 -12.15
CA GLU D 38 -35.98 -6.37 -11.49
C GLU D 38 -37.10 -5.53 -10.91
N LEU D 39 -36.74 -4.41 -10.27
CA LEU D 39 -37.71 -3.52 -9.65
C LEU D 39 -38.85 -3.08 -10.58
N PHE D 40 -38.54 -2.83 -11.84
CA PHE D 40 -39.55 -2.38 -12.79
C PHE D 40 -39.67 -3.25 -14.03
N ASN D 41 -38.66 -3.34 -14.78
CAJ H1N E . -41.13 14.91 14.54
CAL H1N E . -40.91 16.31 15.12
CAW H1N E . -41.33 17.37 14.08
CAV H1N E . -42.77 17.13 13.63
CAK H1N E . -42.92 15.71 13.09
NAI H1N E . -42.52 14.73 14.11
CAH H1N E . -42.78 13.36 13.64
CAG H1N E . -41.90 13.00 12.43
CAS H1N E . -42.46 12.91 11.15
CAR H1N E . -41.69 12.52 10.07
CAF H1N E . -40.56 12.67 12.61
CAE H1N E . -39.79 12.28 11.53
CAQ H1N E . -40.34 12.19 10.25
NAP H1N E . -39.57 11.66 9.29
CAO H1N E . -39.88 11.39 8.03
CAN H1N E . -41.03 11.86 7.38
CAM H1N E . -41.95 10.97 6.85
CAC H1N E . -43.04 11.43 6.12
CAA H1N E . -43.21 12.80 5.93
CAB H1N E . -42.30 13.70 6.47
CAD H1N E . -41.20 13.23 7.20
CBD H1N E . -38.91 10.75 7.27
CBC H1N E . -38.89 10.57 5.90
CBB H1N E . -39.67 11.14 4.90
CBJ H1N E . -37.76 10.12 7.76
OBK H1N E . -37.41 10.14 8.92
NBI H1N E . -37.09 9.57 6.73
CBH H1N E . -37.74 9.84 5.59
CBG H1N E . -37.40 9.69 4.25
CBF H1N E . -38.16 10.29 3.25
CBA H1N E . -39.30 11.02 3.57
NAZ H1N E . -40.19 11.46 2.68
SAY H1N E . -39.92 11.67 1.08
OBE H1N E . -40.84 12.72 0.55
OAU H1N E . -40.07 10.37 0.35
CAX H1N E . -38.18 12.22 1.00
CAT H1N E . -38.09 13.62 1.61
CAJ H1N F . 32.17 -15.53 18.53
CAL H1N F . 32.45 -14.29 19.37
CAW H1N F . 33.93 -13.89 19.22
CAV H1N F . 34.27 -13.69 17.74
CAK H1N F . 33.93 -14.97 16.97
NAI H1N F . 32.50 -15.29 17.11
CAH H1N F . 32.16 -16.49 16.33
CAG H1N F . 32.52 -16.31 14.85
CAS H1N F . 33.34 -17.25 14.24
CAR H1N F . 33.79 -17.04 12.93
CAF H1N F . 32.12 -15.18 14.16
CAE H1N F . 32.56 -14.97 12.86
CAQ H1N F . 33.40 -15.89 12.24
NAP H1N F . 33.88 -15.58 11.02
CAO H1N F . 34.70 -16.28 10.24
CAN H1N F . 34.93 -17.63 10.42
CAM H1N F . 36.21 -18.14 10.62
CAC H1N F . 36.40 -19.51 10.80
CAA H1N F . 35.32 -20.38 10.77
CAB H1N F . 34.04 -19.89 10.55
CAD H1N F . 33.85 -18.52 10.39
CBD H1N F . 35.12 -15.63 9.07
CBC H1N F . 35.82 -16.16 8.00
CBB H1N F . 36.03 -17.48 7.58
CBJ H1N F . 35.04 -14.26 8.84
OBK H1N F . 34.40 -13.46 9.52
NBI H1N F . 35.66 -13.97 7.70
CBH H1N F . 36.13 -15.11 7.16
CBG H1N F . 36.67 -15.38 5.90
CBF H1N F . 36.84 -16.69 5.47
CBA H1N F . 36.52 -17.75 6.31
NAZ H1N F . 36.86 -19.01 6.03
SAY H1N F . 37.24 -19.61 4.56
OBE H1N F . 36.89 -21.06 4.49
OAU H1N F . 38.69 -19.37 4.26
CAX H1N F . 36.23 -18.63 3.38
CAT H1N F . 34.76 -18.88 3.64
#